data_3DX1
#
_entry.id   3DX1
#
_cell.length_a   68.917
_cell.length_b   109.539
_cell.length_c   138.689
_cell.angle_alpha   90.00
_cell.angle_beta   90.00
_cell.angle_gamma   90.00
#
_symmetry.space_group_name_H-M   'P 21 21 21'
#
loop_
_entity.id
_entity.type
_entity.pdbx_description
1 polymer 'Alpha-mannosidase 2'
2 non-polymer 2-acetamido-2-deoxy-beta-D-glucopyranose
3 non-polymer 'PHOSPHATE ION'
4 non-polymer 'ZINC ION'
5 non-polymer (4R)-2-METHYLPENTANE-2,4-DIOL
6 non-polymer (1S,2S,3R,4R)-4-aminocyclopentane-1,2,3-triol
7 water water
#
_entity_poly.entity_id   1
_entity_poly.type   'polypeptide(L)'
_entity_poly.pdbx_seq_one_letter_code
;RSSHHHHHHGEFDDPIRPPLKVARSPRPGQCQDVVQDVPNVDVQMLELYDRMSFKDIDGGVWKQGWNIKYDPLKYNAHHK
LKVFVVPHSHNDPGWIQTFEEYYQHDTKHILSNALRHLHDNPEMKFIWAEISYFARFYHDLGENKKLQMKSIVKNGQLEF
VTGGWVMPDEANSHWRNVLLQLTEGQTWLKQFMNVTPTASWAIDPFGHSPTMPYILQKSGFKNMLIQRTHYSVKKELAQQ
RQLEFLWRQIWDNKGDTALFTHMMPFYSYDIPHTCGPDPKVCCQFDFKRMGSFGLSCPWKVPPRTISDQNVAARSDLLVD
QWKKKAELYRTNVLLIPLGDDFRFKQNTEWDVQRVNYERLFEHINSQAHFNVQAQFGTLQEYFDAVHQAERAGQAEFPTL
SGDFFTYADRSDNYWSGYYTSRPYHKRMDRVLMHYVRAAEMLSAWHSWDGMARIEERLEQARRELSLFQHHDGITGTAKT
HVVVDYEQRMQEALKACQMVMQQSVYRLLTKPSIYSPDFSFSYFTLDDSRWPGSGVEDSRTTIILGEDILPSKHVVMHNT
LPHWREQLVDFYVSSPFVSVTDLANNPVEAQVSPVWSWHHDTLTKTIHPQGSTTKYRIIFKARVPPMGLATYVLTISDSK
PEHTSYASNLLLRKNPTSLPLGQYPEDVKFGDPREISLRVGNGPTLAFSEQGLLKSIQLTQDSPHVPVHFKFLKYGVRSH
GDRSGAYLFLPNGPASPVELGQPVVLVTKGKLESSVSVGLPSVVHQTIMRGGAPEIRNLVDIGSLDNTEIVMRLETHIDS
GDIFYTDLNGLQFIKRRRLDKLPLQANYYPIPSGMFIEDANTRLTLLTGQPLGGSSLASGELEIMQDRRLASDDERGLGQ
GVLDNKPVLHIYRLVLEKVNNCVRPSKLHPAGYLTSAAHKASQSLLDPLDKFIFAENEWIGAQGQFGGDHPSAREDLDVS
VMRRLTKSSAKTQRVGYVLHRTNLMQCGTPEEHTQKLDVCHLLPNVARCERTTLTFLQNLEHLDGMVAPEVCPMETAAYV
SSHSS
;
_entity_poly.pdbx_strand_id   A
#
loop_
_chem_comp.id
_chem_comp.type
_chem_comp.name
_chem_comp.formula
MRD non-polymer (4R)-2-METHYLPENTANE-2,4-DIOL 'C6 H14 O2'
NAG D-saccharide, beta linking 2-acetamido-2-deoxy-beta-D-glucopyranose 'C8 H15 N O6'
PO4 non-polymer 'PHOSPHATE ION' 'O4 P -3'
YHO non-polymer (1S,2S,3R,4R)-4-aminocyclopentane-1,2,3-triol 'C5 H11 N O3'
ZN non-polymer 'ZINC ION' 'Zn 2'
#
# COMPACT_ATOMS: atom_id res chain seq x y z
N GLN A 30 -25.72 5.95 17.37
CA GLN A 30 -25.34 4.54 17.39
C GLN A 30 -24.41 4.19 16.23
N CYS A 31 -23.55 3.20 16.41
CA CYS A 31 -22.69 2.76 15.32
C CYS A 31 -23.53 2.07 14.24
N GLN A 32 -23.24 2.35 12.97
CA GLN A 32 -23.76 1.56 11.86
C GLN A 32 -23.30 0.11 12.01
N ASP A 33 -24.23 -0.80 11.72
CA ASP A 33 -23.87 -2.24 11.66
C ASP A 33 -23.22 -2.53 10.32
N VAL A 34 -22.03 -3.01 10.24
CA VAL A 34 -21.31 -3.17 8.96
C VAL A 34 -21.40 -4.63 8.45
N VAL A 35 -22.20 -5.44 9.16
CA VAL A 35 -22.31 -6.85 8.79
C VAL A 35 -23.66 -7.24 8.24
N GLN A 36 -24.73 -6.80 8.91
CA GLN A 36 -26.03 -7.43 8.76
C GLN A 36 -27.01 -6.64 7.89
N ASP A 37 -26.72 -5.44 7.43
CA ASP A 37 -27.58 -4.73 6.50
C ASP A 37 -26.85 -4.60 5.17
N VAL A 38 -27.42 -5.12 4.11
CA VAL A 38 -26.81 -4.97 2.79
C VAL A 38 -27.17 -3.63 2.20
N PRO A 39 -26.21 -2.76 1.90
CA PRO A 39 -26.58 -1.45 1.37
C PRO A 39 -27.32 -1.58 0.05
N ASN A 40 -28.25 -0.62 -0.10
CA ASN A 40 -28.95 -0.50 -1.36
C ASN A 40 -28.33 0.58 -2.21
N VAL A 41 -27.63 0.19 -3.27
CA VAL A 41 -26.95 1.15 -4.16
C VAL A 41 -27.40 0.92 -5.59
N ASP A 42 -27.30 1.98 -6.41
CA ASP A 42 -27.69 1.82 -7.81
C ASP A 42 -26.76 0.92 -8.58
N VAL A 43 -25.48 1.03 -8.27
CA VAL A 43 -24.46 0.27 -8.97
C VAL A 43 -23.62 -0.43 -7.90
N GLN A 44 -23.58 -1.75 -7.90
CA GLN A 44 -22.71 -2.49 -6.99
C GLN A 44 -21.76 -3.28 -7.89
N MET A 45 -20.46 -2.96 -7.80
CA MET A 45 -19.56 -3.47 -8.87
C MET A 45 -19.49 -4.96 -8.96
N LEU A 46 -19.61 -5.73 -7.89
CA LEU A 46 -19.59 -7.20 -8.05
C LEU A 46 -20.84 -7.64 -8.80
N GLU A 47 -21.99 -7.03 -8.54
CA GLU A 47 -23.22 -7.42 -9.24
C GLU A 47 -23.06 -7.05 -10.70
N LEU A 48 -22.49 -5.87 -10.98
CA LEU A 48 -22.33 -5.44 -12.36
C LEU A 48 -21.42 -6.41 -13.08
N TYR A 49 -20.32 -6.79 -12.45
CA TYR A 49 -19.45 -7.80 -13.05
C TYR A 49 -20.15 -9.12 -13.37
N ASP A 50 -21.08 -9.54 -12.51
CA ASP A 50 -21.70 -10.86 -12.75
C ASP A 50 -22.55 -10.79 -14.02
N ARG A 51 -23.08 -9.60 -14.32
CA ARG A 51 -24.09 -9.43 -15.35
C ARG A 51 -23.44 -9.09 -16.67
N MET A 52 -22.41 -8.25 -16.64
CA MET A 52 -21.75 -7.77 -17.84
CA MET A 52 -21.82 -7.78 -17.88
C MET A 52 -21.21 -8.85 -18.75
N SER A 53 -21.25 -8.67 -20.07
CA SER A 53 -20.68 -9.67 -20.98
CA SER A 53 -20.67 -9.71 -20.94
C SER A 53 -19.23 -9.40 -21.35
N PHE A 54 -18.70 -8.21 -21.16
CA PHE A 54 -17.29 -7.88 -21.43
C PHE A 54 -16.89 -8.12 -22.87
N LYS A 55 -17.81 -7.91 -23.83
CA LYS A 55 -17.44 -8.17 -25.23
C LYS A 55 -16.61 -7.01 -25.75
N ASP A 56 -15.56 -7.36 -26.47
CA ASP A 56 -14.59 -6.40 -26.97
C ASP A 56 -14.88 -6.15 -28.46
N ILE A 57 -15.91 -5.33 -28.71
CA ILE A 57 -16.25 -5.10 -30.11
C ILE A 57 -15.76 -3.74 -30.53
N ASP A 58 -15.57 -3.68 -31.85
CA ASP A 58 -15.13 -2.42 -32.44
C ASP A 58 -16.29 -1.45 -32.48
N GLY A 59 -16.22 -0.35 -31.72
CA GLY A 59 -17.30 0.59 -31.63
C GLY A 59 -17.23 1.75 -32.61
N GLY A 60 -16.25 1.73 -33.50
CA GLY A 60 -16.07 2.80 -34.49
C GLY A 60 -14.95 3.71 -34.02
N VAL A 61 -15.07 5.01 -34.29
CA VAL A 61 -13.99 5.92 -33.90
C VAL A 61 -13.79 5.83 -32.39
N TRP A 62 -14.82 5.68 -31.60
CA TRP A 62 -14.71 5.41 -30.16
C TRP A 62 -14.56 3.89 -30.13
N LYS A 63 -13.33 3.41 -30.09
CA LYS A 63 -13.05 2.00 -30.37
C LYS A 63 -13.79 1.09 -29.41
N GLN A 64 -13.89 1.51 -28.16
CA GLN A 64 -14.46 0.67 -27.10
C GLN A 64 -15.83 1.15 -26.68
N GLY A 65 -16.45 2.02 -27.46
CA GLY A 65 -17.76 2.58 -27.19
C GLY A 65 -18.73 2.30 -28.33
N TRP A 66 -19.40 3.36 -28.74
CA TRP A 66 -20.39 3.31 -29.81
C TRP A 66 -20.39 4.69 -30.46
N ASN A 67 -21.05 4.84 -31.60
CA ASN A 67 -21.24 6.14 -32.24
C ASN A 67 -22.25 7.00 -31.51
N ILE A 68 -21.79 7.97 -30.73
CA ILE A 68 -22.67 8.78 -29.93
C ILE A 68 -23.47 9.72 -30.79
N LYS A 69 -24.75 9.78 -30.48
CA LYS A 69 -25.67 10.68 -31.18
C LYS A 69 -26.23 11.71 -30.20
N TYR A 70 -26.46 12.95 -30.61
CA TYR A 70 -27.09 13.92 -29.67
C TYR A 70 -28.13 14.70 -30.48
N ASP A 71 -29.11 15.24 -29.75
CA ASP A 71 -30.13 16.08 -30.35
C ASP A 71 -29.64 17.52 -30.31
N PRO A 72 -29.44 18.13 -31.47
CA PRO A 72 -28.87 19.49 -31.47
C PRO A 72 -29.74 20.47 -30.69
N LEU A 73 -31.03 20.15 -30.61
CA LEU A 73 -32.00 21.04 -29.98
C LEU A 73 -31.95 20.88 -28.47
N LYS A 74 -31.07 20.01 -27.95
CA LYS A 74 -30.90 19.91 -26.52
C LYS A 74 -30.39 21.20 -25.88
N TYR A 75 -29.49 21.88 -26.56
CA TYR A 75 -29.01 23.16 -26.03
C TYR A 75 -29.67 24.29 -26.78
N ASN A 76 -29.84 25.42 -26.09
CA ASN A 76 -30.45 26.59 -26.71
C ASN A 76 -30.09 27.78 -25.85
N ALA A 77 -30.67 28.92 -26.11
CA ALA A 77 -30.24 30.15 -25.48
C ALA A 77 -30.42 30.07 -23.98
N HIS A 78 -31.41 29.32 -23.52
CA HIS A 78 -31.73 29.28 -22.09
C HIS A 78 -31.14 28.04 -21.43
N HIS A 79 -30.36 27.29 -22.20
CA HIS A 79 -29.80 26.04 -21.71
C HIS A 79 -28.52 25.77 -22.50
N LYS A 80 -27.45 26.43 -22.08
CA LYS A 80 -26.22 26.29 -22.85
C LYS A 80 -25.34 25.17 -22.29
N LEU A 81 -24.41 24.71 -23.10
CA LEU A 81 -23.39 23.76 -22.61
C LEU A 81 -22.23 24.58 -22.07
N LYS A 82 -21.86 24.37 -20.81
CA LYS A 82 -20.76 25.12 -20.20
C LYS A 82 -19.55 24.21 -20.19
N VAL A 83 -18.47 24.60 -20.86
CA VAL A 83 -17.31 23.75 -21.07
C VAL A 83 -16.11 24.31 -20.32
N PHE A 84 -15.51 23.48 -19.49
CA PHE A 84 -14.28 23.86 -18.78
C PHE A 84 -13.11 23.08 -19.35
N VAL A 85 -12.20 23.78 -20.00
CA VAL A 85 -10.96 23.20 -20.50
C VAL A 85 -9.91 23.36 -19.42
N VAL A 86 -9.40 22.24 -18.93
CA VAL A 86 -8.56 22.27 -17.72
C VAL A 86 -7.15 21.84 -18.06
N PRO A 87 -6.22 22.80 -18.27
CA PRO A 87 -4.83 22.45 -18.61
C PRO A 87 -4.11 21.73 -17.46
N HIS A 88 -3.33 20.72 -17.83
CA HIS A 88 -2.69 19.92 -16.79
C HIS A 88 -1.43 19.30 -17.35
N SER A 89 -0.58 18.80 -16.46
CA SER A 89 0.70 18.21 -16.84
C SER A 89 0.98 17.04 -15.91
N HIS A 90 1.02 15.82 -16.43
CA HIS A 90 1.21 14.64 -15.56
C HIS A 90 2.70 14.49 -15.31
N ASN A 91 3.15 14.62 -14.07
CA ASN A 91 4.56 14.58 -13.72
C ASN A 91 4.82 13.42 -12.79
N ASP A 92 5.34 12.33 -13.36
CA ASP A 92 5.73 11.17 -12.55
C ASP A 92 6.95 11.42 -11.67
N PRO A 93 6.81 11.23 -10.35
CA PRO A 93 7.98 11.32 -9.45
C PRO A 93 8.84 10.06 -9.54
N GLY A 94 9.43 9.87 -10.71
CA GLY A 94 10.18 8.70 -11.07
C GLY A 94 9.38 7.82 -11.97
N TRP A 95 10.01 7.31 -13.04
CA TRP A 95 9.43 6.30 -13.93
C TRP A 95 10.54 5.84 -14.88
N ILE A 96 10.76 6.57 -15.99
CA ILE A 96 11.85 6.30 -16.92
C ILE A 96 13.10 7.06 -16.51
N GLN A 97 12.95 8.11 -15.71
CA GLN A 97 14.07 8.81 -15.09
CA GLN A 97 14.02 8.88 -15.10
C GLN A 97 13.77 8.90 -13.59
N THR A 98 14.79 9.20 -12.81
CA THR A 98 14.55 9.38 -11.38
C THR A 98 13.79 10.68 -11.11
N PHE A 99 13.27 10.83 -9.91
CA PHE A 99 12.70 12.10 -9.47
C PHE A 99 13.60 13.26 -9.78
N GLU A 100 14.85 13.19 -9.37
CA GLU A 100 15.72 14.38 -9.54
C GLU A 100 16.05 14.62 -10.98
N GLU A 101 16.22 13.56 -11.79
CA GLU A 101 16.48 13.71 -13.21
C GLU A 101 15.30 14.37 -13.91
N TYR A 102 14.06 13.91 -13.63
CA TYR A 102 12.91 14.57 -14.23
C TYR A 102 12.79 16.02 -13.73
N TYR A 103 13.13 16.26 -12.45
CA TYR A 103 13.01 17.62 -11.94
C TYR A 103 13.94 18.55 -12.74
N GLN A 104 15.20 18.12 -12.92
CA GLN A 104 16.17 18.98 -13.60
C GLN A 104 15.87 19.13 -15.08
N HIS A 105 15.41 18.06 -15.74
CA HIS A 105 15.21 18.06 -17.20
CA HIS A 105 15.23 18.14 -17.19
C HIS A 105 13.86 18.65 -17.64
N ASP A 106 12.83 18.50 -16.81
CA ASP A 106 11.47 18.77 -17.23
C ASP A 106 10.70 19.59 -16.21
N THR A 107 10.52 19.04 -15.01
CA THR A 107 9.53 19.65 -14.12
C THR A 107 9.91 21.05 -13.66
N LYS A 108 11.18 21.35 -13.44
CA LYS A 108 11.49 22.72 -12.98
C LYS A 108 11.16 23.71 -14.06
N HIS A 109 11.28 23.31 -15.33
CA HIS A 109 10.94 24.21 -16.44
C HIS A 109 9.43 24.34 -16.59
N ILE A 110 8.70 23.25 -16.41
CA ILE A 110 7.23 23.32 -16.45
C ILE A 110 6.75 24.30 -15.41
N LEU A 111 7.25 24.18 -14.17
CA LEU A 111 6.73 25.04 -13.11
C LEU A 111 7.20 26.46 -13.28
N SER A 112 8.43 26.70 -13.72
CA SER A 112 8.92 28.07 -13.94
CA SER A 112 8.93 28.04 -13.98
C SER A 112 8.10 28.74 -15.04
N ASN A 113 7.84 27.99 -16.13
CA ASN A 113 7.11 28.61 -17.23
C ASN A 113 5.61 28.72 -16.89
N ALA A 114 5.07 27.84 -16.09
CA ALA A 114 3.68 28.00 -15.64
C ALA A 114 3.59 29.29 -14.85
N LEU A 115 4.59 29.55 -13.95
CA LEU A 115 4.51 30.77 -13.15
C LEU A 115 4.46 32.00 -14.03
N ARG A 116 5.36 32.01 -15.02
CA ARG A 116 5.45 33.14 -15.96
C ARG A 116 4.18 33.29 -16.78
N HIS A 117 3.76 32.21 -17.40
CA HIS A 117 2.61 32.35 -18.33
CA HIS A 117 2.61 32.34 -18.33
C HIS A 117 1.30 32.60 -17.61
N LEU A 118 1.07 31.98 -16.46
CA LEU A 118 -0.15 32.30 -15.71
C LEU A 118 -0.09 33.73 -15.21
N HIS A 119 1.05 34.18 -14.70
CA HIS A 119 1.15 35.58 -14.31
C HIS A 119 0.76 36.52 -15.45
N ASP A 120 1.30 36.27 -16.64
CA ASP A 120 1.09 37.17 -17.76
C ASP A 120 -0.26 37.03 -18.47
N ASN A 121 -1.03 36.00 -18.18
CA ASN A 121 -2.23 35.69 -18.95
C ASN A 121 -3.34 35.35 -17.95
N PRO A 122 -4.03 36.37 -17.40
CA PRO A 122 -4.91 36.16 -16.24
C PRO A 122 -6.06 35.19 -16.43
N GLU A 123 -6.50 34.92 -17.66
CA GLU A 123 -7.58 33.95 -17.83
C GLU A 123 -7.07 32.52 -18.01
N MET A 124 -5.76 32.32 -18.19
CA MET A 124 -5.25 30.95 -18.29
C MET A 124 -5.25 30.29 -16.92
N LYS A 125 -5.40 28.97 -16.93
CA LYS A 125 -5.52 28.18 -15.70
C LYS A 125 -4.62 26.96 -15.85
N PHE A 126 -4.36 26.31 -14.71
CA PHE A 126 -3.46 25.12 -14.68
C PHE A 126 -3.71 24.39 -13.37
N ILE A 127 -3.78 23.06 -13.41
CA ILE A 127 -3.87 22.29 -12.17
C ILE A 127 -2.57 21.53 -11.91
N TRP A 128 -2.31 21.28 -10.65
CA TRP A 128 -1.07 20.62 -10.24
C TRP A 128 -1.36 19.58 -9.17
N ALA A 129 -0.84 18.35 -9.36
CA ALA A 129 -1.13 17.25 -8.43
C ALA A 129 0.03 16.86 -7.52
N GLU A 130 1.26 16.84 -7.98
CA GLU A 130 2.36 16.12 -7.26
C GLU A 130 3.13 17.11 -6.39
N ILE A 131 2.84 17.11 -5.09
CA ILE A 131 3.46 18.14 -4.22
C ILE A 131 4.93 17.84 -3.96
N SER A 132 5.40 16.61 -4.10
CA SER A 132 6.86 16.37 -3.99
C SER A 132 7.63 17.28 -4.96
N TYR A 133 7.19 17.35 -6.19
CA TYR A 133 7.86 18.23 -7.17
C TYR A 133 7.62 19.70 -6.81
N PHE A 134 6.40 20.06 -6.45
CA PHE A 134 6.15 21.50 -6.20
C PHE A 134 6.97 21.98 -5.04
N ALA A 135 7.09 21.19 -3.96
CA ALA A 135 7.95 21.60 -2.83
C ALA A 135 9.41 21.67 -3.25
N ARG A 136 9.87 20.72 -4.05
CA ARG A 136 11.24 20.76 -4.60
C ARG A 136 11.54 22.07 -5.36
N PHE A 137 10.55 22.53 -6.11
CA PHE A 137 10.63 23.76 -6.90
C PHE A 137 10.57 24.99 -6.04
N TYR A 138 9.55 25.03 -5.18
CA TYR A 138 9.28 26.27 -4.44
C TYR A 138 10.43 26.60 -3.53
N HIS A 139 11.06 25.60 -2.95
CA HIS A 139 12.09 25.98 -1.97
C HIS A 139 13.28 26.52 -2.74
N ASP A 140 13.43 26.31 -4.05
CA ASP A 140 14.55 26.88 -4.79
C ASP A 140 14.27 28.24 -5.39
N LEU A 141 13.02 28.71 -5.24
CA LEU A 141 12.65 30.04 -5.70
C LEU A 141 13.10 31.18 -4.79
N GLY A 142 13.51 32.29 -5.40
CA GLY A 142 13.71 33.53 -4.68
C GLY A 142 12.39 34.05 -4.18
N GLU A 143 12.46 34.90 -3.17
CA GLU A 143 11.25 35.41 -2.52
C GLU A 143 10.35 36.12 -3.50
N ASN A 144 10.94 36.83 -4.45
CA ASN A 144 10.14 37.58 -5.43
C ASN A 144 9.21 36.66 -6.21
N LYS A 145 9.72 35.51 -6.62
CA LYS A 145 8.96 34.49 -7.33
C LYS A 145 8.05 33.71 -6.39
N LYS A 146 8.47 33.48 -5.13
CA LYS A 146 7.55 32.81 -4.18
C LYS A 146 6.29 33.65 -4.04
N LEU A 147 6.45 34.96 -3.95
CA LEU A 147 5.30 35.84 -3.79
C LEU A 147 4.42 35.81 -5.04
N GLN A 148 5.06 35.79 -6.22
CA GLN A 148 4.22 35.71 -7.43
C GLN A 148 3.48 34.38 -7.51
N MET A 149 4.13 33.29 -7.06
CA MET A 149 3.45 31.98 -7.06
C MET A 149 2.28 32.01 -6.12
N LYS A 150 2.53 32.56 -4.90
CA LYS A 150 1.43 32.57 -3.95
C LYS A 150 0.24 33.34 -4.52
N SER A 151 0.51 34.40 -5.28
CA SER A 151 -0.57 35.21 -5.85
CA SER A 151 -0.57 35.21 -5.84
C SER A 151 -1.36 34.48 -6.93
N ILE A 152 -0.70 33.70 -7.81
CA ILE A 152 -1.51 32.99 -8.81
C ILE A 152 -2.27 31.81 -8.18
N VAL A 153 -1.86 31.34 -7.01
CA VAL A 153 -2.66 30.31 -6.29
C VAL A 153 -3.83 30.99 -5.60
N LYS A 154 -3.57 32.11 -4.91
CA LYS A 154 -4.62 32.78 -4.21
C LYS A 154 -5.72 33.26 -5.18
N ASN A 155 -5.35 33.68 -6.40
CA ASN A 155 -6.38 34.18 -7.31
C ASN A 155 -7.03 33.05 -8.10
N GLY A 156 -6.68 31.79 -7.87
CA GLY A 156 -7.32 30.67 -8.51
C GLY A 156 -6.80 30.29 -9.87
N GLN A 157 -5.74 30.89 -10.40
CA GLN A 157 -5.24 30.44 -11.69
C GLN A 157 -4.49 29.11 -11.62
N LEU A 158 -3.66 28.93 -10.59
CA LEU A 158 -2.94 27.68 -10.31
CA LEU A 158 -3.00 27.64 -10.36
C LEU A 158 -3.72 27.00 -9.21
N GLU A 159 -4.24 25.79 -9.48
CA GLU A 159 -5.03 25.11 -8.45
C GLU A 159 -4.43 23.73 -8.19
N PHE A 160 -4.20 23.43 -6.92
CA PHE A 160 -3.74 22.11 -6.51
C PHE A 160 -4.91 21.16 -6.47
N VAL A 161 -4.68 19.99 -7.01
CA VAL A 161 -5.68 18.92 -7.00
C VAL A 161 -5.07 17.73 -6.22
N THR A 162 -5.89 17.20 -5.31
CA THR A 162 -5.48 16.23 -4.29
C THR A 162 -4.50 16.83 -3.29
N GLY A 163 -3.33 17.21 -3.80
CA GLY A 163 -2.28 17.78 -2.96
C GLY A 163 -1.53 16.75 -2.12
N GLY A 164 -1.55 15.48 -2.54
CA GLY A 164 -0.61 14.52 -1.95
C GLY A 164 0.81 14.72 -2.43
N TRP A 165 1.73 14.12 -1.68
CA TRP A 165 3.11 14.11 -2.13
C TRP A 165 3.22 13.50 -3.52
N VAL A 166 2.43 12.50 -3.81
CA VAL A 166 2.42 11.82 -5.11
C VAL A 166 0.94 11.59 -5.50
N MET A 167 0.75 10.96 -6.65
CA MET A 167 -0.56 10.36 -7.05
C MET A 167 -0.36 8.86 -6.83
N PRO A 168 -0.79 8.33 -5.71
CA PRO A 168 -0.31 6.98 -5.35
C PRO A 168 -0.97 5.87 -6.12
N ASP A 169 -0.23 4.77 -6.23
CA ASP A 169 -0.85 3.48 -6.53
C ASP A 169 -2.02 3.25 -5.59
N GLU A 170 -3.05 2.57 -6.07
CA GLU A 170 -4.21 2.25 -5.24
C GLU A 170 -4.36 0.73 -5.01
N ALA A 171 -3.51 -0.09 -5.66
CA ALA A 171 -3.62 -1.55 -5.50
C ALA A 171 -2.75 -2.10 -4.38
N ASN A 172 -1.47 -1.70 -4.39
CA ASN A 172 -0.47 -2.30 -3.47
C ASN A 172 -0.27 -1.50 -2.20
N SER A 173 -0.66 -0.22 -2.28
CA SER A 173 -0.39 0.69 -1.16
C SER A 173 -1.23 0.35 0.06
N HIS A 174 -0.61 0.49 1.22
CA HIS A 174 -1.37 0.35 2.47
C HIS A 174 -2.07 1.68 2.76
N TRP A 175 -3.30 1.61 3.28
CA TRP A 175 -4.06 2.85 3.56
C TRP A 175 -3.25 3.77 4.49
N ARG A 176 -2.45 3.19 5.42
CA ARG A 176 -1.71 4.09 6.29
C ARG A 176 -0.72 4.94 5.52
N ASN A 177 -0.12 4.39 4.46
CA ASN A 177 0.85 5.14 3.67
C ASN A 177 0.16 6.07 2.63
N VAL A 178 -1.05 5.68 2.17
CA VAL A 178 -1.83 6.63 1.39
C VAL A 178 -2.10 7.88 2.24
N LEU A 179 -2.54 7.67 3.51
CA LEU A 179 -2.76 8.82 4.36
C LEU A 179 -1.46 9.55 4.65
N LEU A 180 -0.37 8.83 4.86
CA LEU A 180 0.90 9.52 5.16
C LEU A 180 1.27 10.47 4.03
N GLN A 181 1.21 10.00 2.78
CA GLN A 181 1.66 10.86 1.67
C GLN A 181 0.67 12.02 1.44
N LEU A 182 -0.63 11.75 1.63
CA LEU A 182 -1.64 12.81 1.49
C LEU A 182 -1.35 13.89 2.52
N THR A 183 -1.05 13.46 3.77
CA THR A 183 -0.76 14.43 4.83
C THR A 183 0.53 15.17 4.56
N GLU A 184 1.55 14.51 4.01
CA GLU A 184 2.82 15.17 3.77
C GLU A 184 2.58 16.30 2.76
N GLY A 185 1.88 16.01 1.67
CA GLY A 185 1.65 17.07 0.67
C GLY A 185 0.71 18.16 1.20
N GLN A 186 -0.36 17.76 1.88
CA GLN A 186 -1.33 18.80 2.28
C GLN A 186 -0.77 19.66 3.42
N THR A 187 0.06 19.09 4.29
CA THR A 187 0.66 19.91 5.36
C THR A 187 1.57 20.94 4.74
N TRP A 188 2.34 20.55 3.73
CA TRP A 188 3.19 21.49 2.98
C TRP A 188 2.36 22.60 2.37
N LEU A 189 1.30 22.21 1.65
CA LEU A 189 0.46 23.21 1.01
C LEU A 189 -0.19 24.15 2.02
N LYS A 190 -0.63 23.66 3.17
CA LYS A 190 -1.24 24.59 4.13
C LYS A 190 -0.19 25.59 4.65
N GLN A 191 1.00 25.10 4.95
CA GLN A 191 2.08 25.92 5.49
C GLN A 191 2.52 26.97 4.49
N PHE A 192 2.74 26.57 3.22
CA PHE A 192 3.42 27.50 2.28
C PHE A 192 2.47 28.17 1.31
N MET A 193 1.37 27.54 0.96
CA MET A 193 0.42 28.11 -0.02
CA MET A 193 0.46 28.16 -0.02
C MET A 193 -0.89 28.50 0.59
N ASN A 194 -1.13 28.14 1.87
CA ASN A 194 -2.40 28.46 2.56
C ASN A 194 -3.63 27.95 1.83
N VAL A 195 -3.53 26.72 1.30
CA VAL A 195 -4.71 26.12 0.65
C VAL A 195 -4.76 24.63 1.02
N THR A 196 -5.95 24.07 1.01
CA THR A 196 -6.20 22.65 1.24
C THR A 196 -7.15 22.16 0.17
N PRO A 197 -6.69 21.40 -0.82
CA PRO A 197 -7.58 20.94 -1.90
C PRO A 197 -8.71 20.10 -1.34
N THR A 198 -9.89 20.21 -1.97
CA THR A 198 -11.05 19.41 -1.63
C THR A 198 -11.51 18.60 -2.85
N ALA A 199 -10.80 18.69 -3.96
CA ALA A 199 -11.07 17.86 -5.15
C ALA A 199 -9.82 17.04 -5.42
N SER A 200 -10.00 15.75 -5.72
CA SER A 200 -8.89 14.85 -6.02
C SER A 200 -8.85 14.53 -7.51
N TRP A 201 -7.64 14.37 -8.02
CA TRP A 201 -7.36 14.08 -9.44
C TRP A 201 -6.45 12.84 -9.52
N ALA A 202 -7.00 11.70 -9.96
CA ALA A 202 -6.20 10.44 -10.02
C ALA A 202 -6.37 9.88 -11.44
N ILE A 203 -5.56 10.42 -12.36
CA ILE A 203 -5.71 10.08 -13.77
C ILE A 203 -4.91 8.85 -14.22
N ASP A 204 -3.93 8.41 -13.40
CA ASP A 204 -3.00 7.37 -13.85
C ASP A 204 -2.90 6.11 -12.99
N PRO A 205 -3.34 5.98 -11.73
CA PRO A 205 -3.18 4.67 -11.05
C PRO A 205 -3.90 3.57 -11.83
N PHE A 206 -3.33 2.35 -11.76
CA PHE A 206 -3.75 1.30 -12.71
C PHE A 206 -4.95 0.49 -12.14
N GLY A 207 -6.12 1.16 -12.15
CA GLY A 207 -7.28 0.67 -11.42
C GLY A 207 -7.42 1.48 -10.13
N HIS A 208 -8.62 1.48 -9.56
CA HIS A 208 -8.95 2.37 -8.46
C HIS A 208 -9.63 1.66 -7.31
N SER A 209 -9.30 2.10 -6.08
CA SER A 209 -9.77 1.51 -4.86
C SER A 209 -10.69 2.42 -4.08
N PRO A 210 -11.74 1.89 -3.44
CA PRO A 210 -12.64 2.69 -2.60
C PRO A 210 -11.91 3.14 -1.33
N THR A 211 -10.69 2.68 -1.03
CA THR A 211 -9.99 3.26 0.07
C THR A 211 -9.69 4.74 -0.15
N MET A 212 -9.57 5.16 -1.42
CA MET A 212 -9.34 6.58 -1.69
C MET A 212 -10.50 7.45 -1.23
N PRO A 213 -11.74 7.25 -1.70
CA PRO A 213 -12.81 8.10 -1.17
C PRO A 213 -12.96 7.93 0.31
N TYR A 214 -12.66 6.75 0.88
CA TYR A 214 -12.75 6.61 2.36
C TYR A 214 -11.84 7.62 3.07
N ILE A 215 -10.57 7.66 2.69
CA ILE A 215 -9.63 8.57 3.30
C ILE A 215 -9.93 10.02 2.93
N LEU A 216 -10.22 10.27 1.64
CA LEU A 216 -10.43 11.65 1.20
C LEU A 216 -11.66 12.25 1.89
N GLN A 217 -12.77 11.51 2.00
CA GLN A 217 -13.97 12.05 2.62
C GLN A 217 -13.73 12.38 4.07
N LYS A 218 -12.86 11.68 4.76
CA LYS A 218 -12.50 11.93 6.15
C LYS A 218 -11.38 12.97 6.25
N SER A 219 -10.94 13.52 5.13
CA SER A 219 -9.91 14.54 5.06
C SER A 219 -10.41 15.81 4.40
N GLY A 220 -11.74 16.03 4.44
CA GLY A 220 -12.33 17.29 4.00
C GLY A 220 -12.72 17.33 2.53
N PHE A 221 -12.45 16.24 1.79
CA PHE A 221 -12.75 16.31 0.34
C PHE A 221 -14.25 16.25 0.07
N LYS A 222 -14.57 16.86 -1.09
CA LYS A 222 -15.96 16.86 -1.55
C LYS A 222 -16.10 16.20 -2.91
N ASN A 223 -15.03 16.01 -3.68
CA ASN A 223 -15.13 15.49 -5.05
C ASN A 223 -13.86 14.77 -5.43
N MET A 224 -13.96 13.78 -6.30
CA MET A 224 -12.75 13.13 -6.81
C MET A 224 -12.98 12.71 -8.26
N LEU A 225 -11.86 12.51 -8.95
CA LEU A 225 -11.89 12.10 -10.36
C LEU A 225 -10.95 10.90 -10.53
N ILE A 226 -11.41 9.94 -11.35
CA ILE A 226 -10.63 8.73 -11.67
C ILE A 226 -10.70 8.51 -13.18
N GLN A 227 -9.78 7.69 -13.69
CA GLN A 227 -9.62 7.44 -15.12
C GLN A 227 -9.40 5.99 -15.50
N ARG A 228 -8.50 5.26 -14.87
CA ARG A 228 -8.14 3.94 -15.40
C ARG A 228 -9.06 2.91 -14.81
N THR A 229 -10.17 2.72 -15.50
CA THR A 229 -11.11 1.63 -15.24
C THR A 229 -11.31 0.81 -16.51
N HIS A 230 -11.68 -0.43 -16.31
CA HIS A 230 -11.79 -1.37 -17.45
C HIS A 230 -12.63 -0.77 -18.54
N TYR A 231 -12.19 -0.94 -19.80
CA TYR A 231 -12.93 -0.34 -20.92
C TYR A 231 -14.35 -0.82 -20.94
N SER A 232 -14.66 -2.04 -20.52
CA SER A 232 -16.07 -2.50 -20.54
C SER A 232 -16.90 -1.79 -19.47
N VAL A 233 -16.29 -1.46 -18.32
CA VAL A 233 -16.98 -0.70 -17.30
C VAL A 233 -17.27 0.72 -17.81
N LYS A 234 -16.30 1.37 -18.45
CA LYS A 234 -16.57 2.69 -19.03
C LYS A 234 -17.76 2.59 -19.98
N LYS A 235 -17.81 1.61 -20.86
CA LYS A 235 -18.93 1.53 -21.81
C LYS A 235 -20.24 1.36 -21.07
N GLU A 236 -20.30 0.44 -20.11
CA GLU A 236 -21.54 0.12 -19.42
C GLU A 236 -22.06 1.35 -18.65
N LEU A 237 -21.13 1.98 -17.90
CA LEU A 237 -21.59 3.15 -17.10
C LEU A 237 -21.92 4.31 -18.01
N ALA A 238 -21.20 4.48 -19.12
CA ALA A 238 -21.55 5.57 -20.02
C ALA A 238 -22.94 5.39 -20.61
N GLN A 239 -23.33 4.18 -20.95
CA GLN A 239 -24.62 3.94 -21.55
C GLN A 239 -25.75 4.33 -20.59
N GLN A 240 -25.49 4.24 -19.30
CA GLN A 240 -26.50 4.56 -18.27
C GLN A 240 -26.31 5.94 -17.68
N ARG A 241 -25.35 6.72 -18.23
CA ARG A 241 -24.99 8.01 -17.62
C ARG A 241 -24.71 7.86 -16.12
N GLN A 242 -23.88 6.83 -15.82
CA GLN A 242 -23.50 6.54 -14.43
C GLN A 242 -21.99 6.75 -14.22
N LEU A 243 -21.38 7.65 -15.04
CA LEU A 243 -19.94 7.93 -14.91
C LEU A 243 -19.69 8.94 -13.80
N GLU A 244 -20.71 9.62 -13.31
CA GLU A 244 -20.63 10.43 -12.10
C GLU A 244 -21.52 9.77 -11.06
N PHE A 245 -20.97 9.51 -9.87
CA PHE A 245 -21.71 8.74 -8.88
C PHE A 245 -21.25 9.13 -7.48
N LEU A 246 -22.09 8.81 -6.51
CA LEU A 246 -21.74 8.99 -5.10
C LEU A 246 -21.15 7.67 -4.63
N TRP A 247 -19.84 7.65 -4.51
CA TRP A 247 -19.12 6.39 -4.19
C TRP A 247 -19.06 6.18 -2.68
N ARG A 248 -19.79 5.18 -2.19
CA ARG A 248 -19.80 4.87 -0.78
C ARG A 248 -19.06 3.56 -0.53
N GLN A 249 -18.69 3.31 0.72
CA GLN A 249 -18.06 2.02 1.02
C GLN A 249 -19.06 0.89 0.94
N ILE A 250 -18.51 -0.33 0.68
CA ILE A 250 -19.36 -1.47 0.42
C ILE A 250 -20.21 -1.87 1.61
N TRP A 251 -19.82 -1.51 2.82
CA TRP A 251 -20.62 -1.88 3.99
C TRP A 251 -21.56 -0.75 4.45
N ASP A 252 -21.58 0.39 3.76
CA ASP A 252 -22.16 1.60 4.33
C ASP A 252 -23.63 1.69 3.96
N ASN A 253 -24.52 1.32 4.86
CA ASN A 253 -25.95 1.32 4.56
C ASN A 253 -26.54 2.72 4.40
N LYS A 254 -26.06 3.65 5.21
CA LYS A 254 -26.66 4.97 5.35
C LYS A 254 -26.14 5.94 4.28
N GLY A 255 -24.89 5.76 3.88
CA GLY A 255 -24.28 6.62 2.85
C GLY A 255 -23.37 7.73 3.39
N ASP A 256 -23.02 7.75 4.68
CA ASP A 256 -22.26 8.87 5.20
C ASP A 256 -20.82 8.88 4.70
N THR A 257 -20.33 7.78 4.16
CA THR A 257 -18.98 7.75 3.57
C THR A 257 -18.99 8.25 2.12
N ALA A 258 -20.14 8.56 1.53
CA ALA A 258 -20.14 8.81 0.09
C ALA A 258 -19.34 10.02 -0.33
N LEU A 259 -18.67 9.89 -1.46
CA LEU A 259 -17.91 10.99 -2.07
C LEU A 259 -18.25 11.07 -3.54
N PHE A 260 -18.64 12.27 -3.99
CA PHE A 260 -18.96 12.42 -5.43
C PHE A 260 -17.71 12.14 -6.27
N THR A 261 -17.88 11.28 -7.26
CA THR A 261 -16.78 10.79 -8.09
C THR A 261 -17.14 10.97 -9.57
N HIS A 262 -16.18 11.49 -10.31
CA HIS A 262 -16.26 11.57 -11.78
C HIS A 262 -15.31 10.56 -12.39
N MET A 263 -15.80 9.66 -13.19
CA MET A 263 -14.99 8.75 -13.98
C MET A 263 -14.92 9.29 -15.39
N MET A 264 -13.71 9.50 -15.89
CA MET A 264 -13.50 9.91 -17.29
CA MET A 264 -13.58 9.92 -17.30
C MET A 264 -13.91 8.74 -18.20
N PRO A 265 -14.39 9.03 -19.43
CA PRO A 265 -15.03 7.95 -20.20
C PRO A 265 -14.20 7.20 -21.21
N PHE A 266 -13.00 7.72 -21.53
CA PHE A 266 -12.27 7.27 -22.73
C PHE A 266 -10.95 6.56 -22.32
N TYR A 267 -10.21 6.18 -23.34
CA TYR A 267 -9.10 5.24 -23.15
C TYR A 267 -7.92 5.86 -22.43
N SER A 268 -7.71 7.16 -22.52
CA SER A 268 -6.54 7.82 -21.95
C SER A 268 -6.95 9.19 -21.44
N TYR A 269 -6.05 9.82 -20.66
CA TYR A 269 -6.22 11.21 -20.30
C TYR A 269 -5.53 12.18 -21.27
N ASP A 270 -4.88 11.68 -22.34
CA ASP A 270 -4.15 12.56 -23.29
C ASP A 270 -5.16 13.35 -24.09
N ILE A 271 -4.69 14.34 -24.85
CA ILE A 271 -5.64 15.24 -25.55
C ILE A 271 -6.45 14.47 -26.57
N PRO A 272 -5.89 13.56 -27.36
CA PRO A 272 -6.76 12.79 -28.29
C PRO A 272 -7.92 12.08 -27.61
N HIS A 273 -7.83 11.73 -26.33
CA HIS A 273 -8.89 10.94 -25.67
C HIS A 273 -9.63 11.77 -24.64
N THR A 274 -9.54 13.10 -24.74
CA THR A 274 -10.27 13.90 -23.74
C THR A 274 -11.20 14.93 -24.36
N CYS A 275 -11.14 15.24 -25.65
CA CYS A 275 -12.03 16.27 -26.19
C CYS A 275 -13.41 15.66 -26.53
N GLY A 276 -13.47 14.35 -26.71
CA GLY A 276 -14.65 13.72 -27.30
C GLY A 276 -14.25 12.32 -27.74
N PRO A 277 -15.21 11.60 -28.35
CA PRO A 277 -15.03 10.19 -28.65
C PRO A 277 -14.10 9.86 -29.83
N ASP A 278 -13.79 10.79 -30.71
CA ASP A 278 -13.02 10.47 -31.90
C ASP A 278 -11.59 11.04 -31.78
N PRO A 279 -10.61 10.20 -31.49
CA PRO A 279 -9.26 10.71 -31.29
C PRO A 279 -8.65 11.28 -32.54
N LYS A 280 -9.11 10.87 -33.73
CA LYS A 280 -8.54 11.42 -34.95
C LYS A 280 -8.90 12.91 -35.05
N VAL A 281 -10.06 13.27 -34.49
CA VAL A 281 -10.49 14.68 -34.42
C VAL A 281 -9.81 15.38 -33.25
N CYS A 282 -9.88 14.78 -32.03
CA CYS A 282 -9.32 15.46 -30.87
C CYS A 282 -7.80 15.72 -31.01
N CYS A 283 -7.09 14.83 -31.71
CA CYS A 283 -5.63 15.04 -31.86
C CYS A 283 -5.31 16.34 -32.56
N GLN A 284 -6.25 16.82 -33.40
CA GLN A 284 -6.08 18.05 -34.14
C GLN A 284 -6.19 19.26 -33.24
N PHE A 285 -6.54 19.03 -31.99
CA PHE A 285 -6.70 20.14 -31.02
C PHE A 285 -5.61 20.01 -29.96
N ASP A 286 -4.58 19.23 -30.23
CA ASP A 286 -3.37 19.19 -29.39
C ASP A 286 -2.32 19.96 -30.16
N PHE A 287 -2.17 21.27 -29.86
CA PHE A 287 -1.39 22.12 -30.76
C PHE A 287 0.10 21.91 -30.58
N LYS A 288 0.55 21.02 -29.67
CA LYS A 288 1.96 20.63 -29.64
C LYS A 288 2.30 19.61 -30.73
N ARG A 289 1.34 19.14 -31.52
CA ARG A 289 1.65 18.07 -32.47
C ARG A 289 1.82 18.56 -33.88
N MET A 290 2.30 19.79 -34.16
CA MET A 290 2.34 20.16 -35.60
C MET A 290 3.70 19.92 -36.23
N GLY A 291 4.69 19.47 -35.43
CA GLY A 291 5.98 19.07 -35.99
C GLY A 291 7.24 19.57 -35.30
N SER A 292 7.32 20.83 -34.91
CA SER A 292 8.57 21.38 -34.32
C SER A 292 8.88 20.84 -32.95
N PHE A 293 7.92 20.22 -32.29
CA PHE A 293 8.12 19.64 -30.97
C PHE A 293 8.37 18.14 -31.10
N GLY A 294 8.49 17.60 -32.33
CA GLY A 294 8.79 16.17 -32.41
C GLY A 294 7.63 15.27 -32.06
N LEU A 295 6.42 15.77 -32.11
CA LEU A 295 5.21 15.00 -31.89
C LEU A 295 4.36 15.06 -33.16
N SER A 296 3.51 14.09 -33.31
CA SER A 296 2.58 14.04 -34.45
C SER A 296 1.32 13.33 -34.03
N CYS A 297 0.32 13.27 -34.90
CA CYS A 297 -0.92 12.54 -34.69
C CYS A 297 -0.92 11.17 -35.38
N PRO A 298 -0.99 10.09 -34.64
CA PRO A 298 -1.04 8.74 -35.22
C PRO A 298 -2.22 8.53 -36.15
N TRP A 299 -3.28 9.31 -36.01
CA TRP A 299 -4.44 9.15 -36.90
C TRP A 299 -4.22 9.92 -38.19
N LYS A 300 -3.04 10.52 -38.37
CA LYS A 300 -2.58 11.02 -39.69
C LYS A 300 -3.22 12.35 -40.07
N VAL A 301 -3.96 13.03 -39.20
CA VAL A 301 -4.44 14.38 -39.55
C VAL A 301 -3.83 15.33 -38.52
N PRO A 302 -2.95 16.23 -38.91
CA PRO A 302 -2.30 17.07 -37.91
C PRO A 302 -3.19 18.21 -37.45
N PRO A 303 -2.80 18.82 -36.31
CA PRO A 303 -3.47 20.05 -35.92
C PRO A 303 -3.14 21.13 -36.93
N ARG A 304 -4.06 22.08 -37.09
CA ARG A 304 -3.89 23.28 -37.91
C ARG A 304 -3.95 24.52 -37.02
N THR A 305 -3.03 25.47 -37.19
CA THR A 305 -3.15 26.73 -36.48
C THR A 305 -4.51 27.37 -36.73
N ILE A 306 -5.20 27.86 -35.70
CA ILE A 306 -6.51 28.47 -35.86
C ILE A 306 -6.32 29.86 -36.41
N SER A 307 -7.16 30.16 -37.43
CA SER A 307 -7.14 31.46 -38.05
C SER A 307 -8.56 31.93 -38.29
N ASP A 308 -8.73 33.19 -38.68
CA ASP A 308 -10.09 33.64 -39.06
C ASP A 308 -10.71 32.82 -40.17
N GLN A 309 -9.95 32.25 -41.08
CA GLN A 309 -10.43 31.52 -42.26
CA GLN A 309 -10.57 31.56 -42.21
C GLN A 309 -10.86 30.09 -41.95
N ASN A 310 -10.27 29.53 -40.87
CA ASN A 310 -10.72 28.18 -40.56
C ASN A 310 -11.43 28.11 -39.20
N VAL A 311 -11.56 29.16 -38.41
CA VAL A 311 -12.05 28.98 -37.02
C VAL A 311 -13.46 28.47 -37.05
N ALA A 312 -14.31 28.82 -38.03
CA ALA A 312 -15.69 28.35 -37.98
C ALA A 312 -15.73 26.85 -38.22
N ALA A 313 -14.94 26.39 -39.20
CA ALA A 313 -14.90 24.94 -39.45
C ALA A 313 -14.29 24.18 -38.31
N ARG A 314 -13.20 24.71 -37.76
CA ARG A 314 -12.51 24.05 -36.65
C ARG A 314 -13.42 23.97 -35.44
N SER A 315 -14.12 25.06 -35.16
CA SER A 315 -15.09 25.07 -34.05
C SER A 315 -16.24 24.13 -34.28
N ASP A 316 -16.74 24.02 -35.52
CA ASP A 316 -17.82 23.04 -35.67
CA ASP A 316 -17.76 23.01 -35.76
C ASP A 316 -17.35 21.62 -35.33
N LEU A 317 -16.15 21.27 -35.75
CA LEU A 317 -15.59 19.94 -35.44
C LEU A 317 -15.45 19.75 -33.95
N LEU A 318 -14.90 20.75 -33.27
CA LEU A 318 -14.63 20.61 -31.81
C LEU A 318 -15.91 20.62 -30.98
N VAL A 319 -16.85 21.49 -31.31
CA VAL A 319 -18.09 21.57 -30.50
C VAL A 319 -18.84 20.28 -30.70
N ASP A 320 -18.80 19.71 -31.91
CA ASP A 320 -19.48 18.41 -32.08
C ASP A 320 -18.87 17.33 -31.20
N GLN A 321 -17.56 17.25 -31.08
CA GLN A 321 -16.94 16.32 -30.11
C GLN A 321 -17.37 16.59 -28.69
N TRP A 322 -17.36 17.86 -28.27
CA TRP A 322 -17.82 18.20 -26.91
C TRP A 322 -19.25 17.77 -26.69
N LYS A 323 -20.16 18.04 -27.65
CA LYS A 323 -21.56 17.67 -27.41
C LYS A 323 -21.74 16.17 -27.38
N LYS A 324 -20.95 15.43 -28.13
CA LYS A 324 -21.00 13.94 -27.96
C LYS A 324 -20.51 13.52 -26.59
N LYS A 325 -19.38 14.06 -26.13
CA LYS A 325 -18.94 13.69 -24.77
C LYS A 325 -20.00 14.05 -23.74
N ALA A 326 -20.67 15.21 -23.93
CA ALA A 326 -21.64 15.67 -22.94
C ALA A 326 -22.84 14.73 -22.85
N GLU A 327 -23.09 13.97 -23.93
CA GLU A 327 -24.18 12.99 -23.90
C GLU A 327 -23.97 11.93 -22.84
N LEU A 328 -22.72 11.71 -22.45
CA LEU A 328 -22.43 10.62 -21.48
C LEU A 328 -22.68 11.06 -20.05
N TYR A 329 -23.01 12.31 -19.80
CA TYR A 329 -23.12 12.86 -18.42
C TYR A 329 -24.43 13.55 -18.24
N ARG A 330 -24.82 13.80 -16.97
CA ARG A 330 -26.18 14.22 -16.69
C ARG A 330 -26.38 15.73 -16.62
N THR A 331 -25.33 16.54 -16.50
CA THR A 331 -25.55 17.99 -16.40
C THR A 331 -25.13 18.67 -17.70
N ASN A 332 -25.33 19.99 -17.77
CA ASN A 332 -24.88 20.80 -18.89
C ASN A 332 -23.51 21.41 -18.60
N VAL A 333 -22.71 20.78 -17.76
CA VAL A 333 -21.37 21.29 -17.42
C VAL A 333 -20.42 20.20 -17.85
N LEU A 334 -19.44 20.50 -18.70
CA LEU A 334 -18.57 19.48 -19.30
C LEU A 334 -17.10 19.71 -18.95
N LEU A 335 -16.44 18.62 -18.54
CA LEU A 335 -15.02 18.69 -18.19
C LEU A 335 -14.18 18.25 -19.41
N ILE A 336 -13.24 19.09 -19.85
CA ILE A 336 -12.32 18.78 -20.94
C ILE A 336 -10.88 18.96 -20.42
N PRO A 337 -10.27 17.90 -19.89
CA PRO A 337 -8.84 18.01 -19.53
C PRO A 337 -8.06 18.35 -20.81
N LEU A 338 -6.97 19.11 -20.64
CA LEU A 338 -6.07 19.48 -21.74
C LEU A 338 -4.61 19.28 -21.29
N GLY A 339 -4.05 18.09 -21.51
CA GLY A 339 -2.69 17.86 -21.02
C GLY A 339 -2.27 16.43 -21.34
N ASP A 340 -1.08 16.13 -20.87
CA ASP A 340 -0.40 14.85 -21.12
C ASP A 340 0.84 14.85 -20.27
N ASP A 341 1.68 13.81 -20.44
CA ASP A 341 2.82 13.64 -19.54
C ASP A 341 3.87 14.72 -19.76
N PHE A 342 4.26 15.36 -18.68
CA PHE A 342 5.30 16.40 -18.66
C PHE A 342 5.04 17.45 -19.72
N ARG A 343 3.77 17.80 -19.91
CA ARG A 343 3.39 18.91 -20.80
C ARG A 343 3.60 20.25 -20.15
N PHE A 344 3.46 21.28 -20.98
CA PHE A 344 3.56 22.69 -20.60
C PHE A 344 4.93 23.04 -20.09
N LYS A 345 5.92 22.56 -20.84
CA LYS A 345 7.34 22.77 -20.54
C LYS A 345 7.88 24.01 -21.20
N GLN A 346 7.92 24.01 -22.52
CA GLN A 346 8.47 25.12 -23.28
C GLN A 346 7.55 26.35 -23.30
N ASN A 347 8.10 27.57 -23.30
CA ASN A 347 7.24 28.74 -23.49
C ASN A 347 6.47 28.70 -24.79
N THR A 348 7.10 28.19 -25.87
CA THR A 348 6.37 28.12 -27.14
C THR A 348 5.21 27.15 -27.05
N GLU A 349 5.28 26.15 -26.17
CA GLU A 349 4.16 25.23 -26.04
C GLU A 349 3.01 25.90 -25.30
N TRP A 350 3.28 26.66 -24.23
CA TRP A 350 2.23 27.43 -23.55
C TRP A 350 1.53 28.33 -24.55
N ASP A 351 2.33 29.02 -25.40
CA ASP A 351 1.71 29.93 -26.36
C ASP A 351 0.86 29.16 -27.37
N VAL A 352 1.38 28.06 -27.93
CA VAL A 352 0.64 27.44 -29.03
C VAL A 352 -0.67 26.89 -28.52
N GLN A 353 -0.73 26.35 -27.29
CA GLN A 353 -1.99 25.83 -26.77
C GLN A 353 -2.90 27.02 -26.41
N ARG A 354 -2.38 27.98 -25.64
CA ARG A 354 -3.22 29.08 -25.20
C ARG A 354 -3.82 29.89 -26.35
N VAL A 355 -2.97 30.28 -27.31
CA VAL A 355 -3.46 31.23 -28.34
C VAL A 355 -4.51 30.56 -29.21
N ASN A 356 -4.26 29.28 -29.55
CA ASN A 356 -5.24 28.58 -30.43
C ASN A 356 -6.55 28.34 -29.69
N TYR A 357 -6.52 27.92 -28.42
CA TYR A 357 -7.78 27.80 -27.67
C TYR A 357 -8.47 29.13 -27.47
N GLU A 358 -7.73 30.19 -27.17
CA GLU A 358 -8.42 31.46 -27.09
C GLU A 358 -9.18 31.81 -28.35
N ARG A 359 -8.59 31.56 -29.52
CA ARG A 359 -9.28 31.86 -30.78
C ARG A 359 -10.56 31.03 -30.95
N LEU A 360 -10.48 29.75 -30.59
CA LEU A 360 -11.68 28.91 -30.58
C LEU A 360 -12.71 29.43 -29.60
N PHE A 361 -12.34 29.77 -28.35
CA PHE A 361 -13.33 30.23 -27.41
C PHE A 361 -14.00 31.54 -27.86
N GLU A 362 -13.23 32.48 -28.40
CA GLU A 362 -13.84 33.72 -28.88
C GLU A 362 -14.88 33.41 -29.97
N HIS A 363 -14.56 32.55 -30.92
CA HIS A 363 -15.55 32.22 -31.99
C HIS A 363 -16.73 31.49 -31.41
N ILE A 364 -16.48 30.39 -30.72
CA ILE A 364 -17.60 29.56 -30.20
C ILE A 364 -18.54 30.35 -29.32
N ASN A 365 -17.97 31.11 -28.41
CA ASN A 365 -18.82 31.80 -27.40
C ASN A 365 -19.67 32.89 -28.04
N SER A 366 -19.22 33.35 -29.20
CA SER A 366 -19.97 34.50 -29.80
C SER A 366 -20.92 34.00 -30.86
N GLN A 367 -20.97 32.71 -31.17
CA GLN A 367 -21.84 32.15 -32.20
C GLN A 367 -23.01 31.49 -31.49
N ALA A 368 -24.12 32.23 -31.47
CA ALA A 368 -25.22 31.78 -30.63
C ALA A 368 -25.68 30.38 -31.02
N HIS A 369 -25.58 30.00 -32.29
CA HIS A 369 -26.07 28.74 -32.81
C HIS A 369 -25.38 27.58 -32.12
N PHE A 370 -24.19 27.69 -31.56
CA PHE A 370 -23.59 26.57 -30.83
C PHE A 370 -24.20 26.38 -29.44
N ASN A 371 -24.70 27.47 -28.84
CA ASN A 371 -25.24 27.42 -27.49
C ASN A 371 -24.22 26.83 -26.52
N VAL A 372 -22.98 27.29 -26.61
CA VAL A 372 -21.89 26.88 -25.75
C VAL A 372 -21.21 28.09 -25.13
N GLN A 373 -20.79 27.97 -23.87
CA GLN A 373 -19.85 28.91 -23.25
C GLN A 373 -18.63 28.10 -22.78
N ALA A 374 -17.50 28.34 -23.42
CA ALA A 374 -16.29 27.58 -23.12
C ALA A 374 -15.21 28.45 -22.58
N GLN A 375 -14.41 27.93 -21.64
CA GLN A 375 -13.35 28.71 -21.05
C GLN A 375 -12.31 27.77 -20.42
N PHE A 376 -11.10 28.30 -20.21
CA PHE A 376 -10.20 27.59 -19.31
C PHE A 376 -10.76 27.55 -17.92
N GLY A 377 -10.55 26.42 -17.25
CA GLY A 377 -11.05 26.37 -15.86
C GLY A 377 -10.14 25.44 -15.05
N THR A 378 -10.51 25.33 -13.78
CA THR A 378 -9.85 24.38 -12.89
C THR A 378 -10.79 23.25 -12.53
N LEU A 379 -10.25 22.23 -11.86
CA LEU A 379 -11.09 21.09 -11.49
C LEU A 379 -12.17 21.49 -10.52
N GLN A 380 -11.82 22.29 -9.50
CA GLN A 380 -12.84 22.71 -8.53
C GLN A 380 -13.94 23.53 -9.22
N GLU A 381 -13.56 24.33 -10.20
CA GLU A 381 -14.56 25.11 -10.92
C GLU A 381 -15.57 24.19 -11.62
N TYR A 382 -15.08 23.11 -12.24
CA TYR A 382 -15.97 22.12 -12.86
C TYR A 382 -16.91 21.56 -11.82
N PHE A 383 -16.38 21.00 -10.70
CA PHE A 383 -17.28 20.39 -9.72
C PHE A 383 -18.23 21.38 -9.11
N ASP A 384 -17.81 22.64 -8.85
CA ASP A 384 -18.76 23.59 -8.32
C ASP A 384 -19.92 23.82 -9.25
N ALA A 385 -19.61 23.90 -10.55
CA ALA A 385 -20.70 24.13 -11.51
C ALA A 385 -21.60 22.90 -11.63
N VAL A 386 -21.03 21.67 -11.54
CA VAL A 386 -21.87 20.47 -11.57
C VAL A 386 -22.83 20.49 -10.39
N HIS A 387 -22.35 20.81 -9.19
CA HIS A 387 -23.26 20.75 -8.03
C HIS A 387 -24.25 21.91 -8.06
N GLN A 388 -23.89 23.05 -8.64
CA GLN A 388 -24.92 24.10 -8.85
C GLN A 388 -26.04 23.58 -9.74
N ALA A 389 -25.71 22.82 -10.80
CA ALA A 389 -26.72 22.21 -11.70
C ALA A 389 -27.59 21.22 -10.92
N GLU A 390 -26.98 20.38 -10.11
CA GLU A 390 -27.66 19.39 -9.27
C GLU A 390 -28.59 20.07 -8.30
N ARG A 391 -28.14 21.11 -7.61
CA ARG A 391 -29.06 21.82 -6.72
C ARG A 391 -30.17 22.50 -7.49
N ALA A 392 -29.98 22.86 -8.75
CA ALA A 392 -31.07 23.56 -9.47
C ALA A 392 -32.06 22.54 -9.99
N GLY A 393 -31.82 21.27 -9.68
CA GLY A 393 -32.74 20.19 -9.96
C GLY A 393 -32.54 19.62 -11.33
N GLN A 394 -31.33 19.84 -11.87
CA GLN A 394 -31.17 19.45 -13.27
C GLN A 394 -30.68 18.03 -13.36
N ALA A 395 -30.19 17.39 -12.30
CA ALA A 395 -29.61 16.05 -12.34
C ALA A 395 -29.73 15.42 -10.96
N GLU A 396 -29.85 14.11 -10.92
CA GLU A 396 -29.73 13.32 -9.71
C GLU A 396 -28.67 12.27 -9.99
N PHE A 397 -27.78 12.04 -9.05
CA PHE A 397 -26.69 11.09 -9.33
C PHE A 397 -26.88 9.73 -8.66
N PRO A 398 -26.43 8.69 -9.34
CA PRO A 398 -26.54 7.34 -8.80
C PRO A 398 -25.54 7.12 -7.65
N THR A 399 -25.89 6.13 -6.82
CA THR A 399 -24.99 5.67 -5.79
C THR A 399 -24.23 4.44 -6.28
N LEU A 400 -23.00 4.28 -5.81
CA LEU A 400 -22.17 3.14 -6.26
C LEU A 400 -21.35 2.65 -5.09
N SER A 401 -21.17 1.32 -5.03
CA SER A 401 -20.12 0.76 -4.16
C SER A 401 -19.31 -0.28 -4.94
N GLY A 402 -18.12 -0.58 -4.46
CA GLY A 402 -17.24 -1.58 -5.10
C GLY A 402 -15.88 -0.95 -5.41
N ASP A 403 -15.11 -1.68 -6.17
CA ASP A 403 -13.78 -1.22 -6.62
C ASP A 403 -13.68 -1.33 -8.12
N PHE A 404 -12.54 -0.93 -8.63
CA PHE A 404 -12.26 -0.91 -10.08
C PHE A 404 -10.96 -1.64 -10.35
N PHE A 405 -10.87 -2.87 -9.84
CA PHE A 405 -9.81 -3.81 -10.19
C PHE A 405 -10.49 -5.06 -10.78
N THR A 406 -9.84 -5.81 -11.67
CA THR A 406 -8.56 -5.53 -12.28
C THR A 406 -8.72 -4.78 -13.59
N TYR A 407 -7.98 -3.70 -13.73
CA TYR A 407 -8.05 -2.86 -14.94
C TYR A 407 -7.54 -3.61 -16.15
N ALA A 408 -8.23 -3.37 -17.27
CA ALA A 408 -7.69 -3.68 -18.60
C ALA A 408 -7.91 -2.45 -19.45
N ASP A 409 -6.90 -2.01 -20.21
CA ASP A 409 -7.03 -0.84 -21.09
C ASP A 409 -7.48 -1.27 -22.48
N ARG A 410 -7.27 -2.53 -22.85
CA ARG A 410 -7.68 -3.02 -24.17
C ARG A 410 -7.59 -4.54 -24.22
N SER A 411 -8.41 -5.14 -25.10
CA SER A 411 -8.49 -6.57 -25.38
CA SER A 411 -8.29 -6.56 -25.37
C SER A 411 -8.33 -7.38 -24.09
N ASP A 412 -7.36 -8.30 -24.01
CA ASP A 412 -7.19 -9.13 -22.83
C ASP A 412 -6.01 -8.65 -21.99
N ASN A 413 -5.60 -7.39 -22.15
CA ASN A 413 -4.42 -6.85 -21.47
C ASN A 413 -4.84 -6.34 -20.08
N TYR A 414 -4.88 -7.26 -19.14
CA TYR A 414 -5.21 -6.99 -17.73
C TYR A 414 -3.91 -6.66 -16.97
N TRP A 415 -4.01 -5.60 -16.19
CA TRP A 415 -2.81 -5.08 -15.51
C TRP A 415 -2.69 -5.71 -14.11
N SER A 416 -2.58 -7.02 -14.06
CA SER A 416 -2.37 -7.73 -12.78
C SER A 416 -0.91 -8.05 -12.56
N GLY A 417 0.00 -7.82 -13.55
CA GLY A 417 1.39 -8.11 -13.30
C GLY A 417 2.00 -7.25 -12.21
N TYR A 418 1.61 -5.97 -12.15
CA TYR A 418 2.24 -5.02 -11.22
C TYR A 418 1.79 -5.28 -9.79
N TYR A 419 0.84 -6.17 -9.56
CA TYR A 419 0.54 -6.60 -8.19
C TYR A 419 1.73 -7.36 -7.60
N THR A 420 2.69 -7.81 -8.44
CA THR A 420 3.81 -8.58 -7.95
C THR A 420 5.15 -8.00 -8.37
N SER A 421 5.25 -7.22 -9.44
CA SER A 421 6.54 -6.80 -9.98
C SER A 421 7.41 -6.14 -8.95
N ARG A 422 8.70 -6.49 -8.97
CA ARG A 422 9.69 -5.93 -8.00
C ARG A 422 9.24 -6.18 -6.55
N PRO A 423 9.07 -7.46 -6.20
CA PRO A 423 8.55 -7.78 -4.87
C PRO A 423 9.49 -7.44 -3.75
N TYR A 424 10.81 -7.34 -4.01
CA TYR A 424 11.72 -6.94 -2.92
C TYR A 424 11.27 -5.59 -2.35
N HIS A 425 10.97 -4.66 -3.26
CA HIS A 425 10.63 -3.27 -2.83
C HIS A 425 9.22 -3.20 -2.28
N LYS A 426 8.31 -4.07 -2.76
CA LYS A 426 6.98 -4.18 -2.14
C LYS A 426 7.12 -4.61 -0.70
N ARG A 427 7.97 -5.58 -0.38
CA ARG A 427 8.19 -5.98 1.00
C ARG A 427 8.85 -4.85 1.79
N MET A 428 9.85 -4.17 1.18
CA MET A 428 10.51 -3.06 1.87
C MET A 428 9.54 -1.96 2.24
N ASP A 429 8.52 -1.71 1.40
CA ASP A 429 7.50 -0.71 1.71
C ASP A 429 6.87 -1.01 3.04
N ARG A 430 6.49 -2.29 3.32
CA ARG A 430 5.79 -2.61 4.55
C ARG A 430 6.73 -2.52 5.74
N VAL A 431 8.01 -2.84 5.54
CA VAL A 431 8.97 -2.70 6.65
C VAL A 431 9.09 -1.22 7.00
N LEU A 432 9.33 -0.38 6.01
CA LEU A 432 9.44 1.06 6.29
C LEU A 432 8.15 1.63 6.84
N MET A 433 7.00 1.17 6.36
CA MET A 433 5.71 1.63 6.94
C MET A 433 5.72 1.53 8.45
N HIS A 434 6.13 0.35 8.93
CA HIS A 434 6.14 0.12 10.39
C HIS A 434 7.21 0.93 11.09
N TYR A 435 8.38 1.06 10.47
N TYR A 435 8.39 1.06 10.49
CA TYR A 435 9.47 1.83 11.08
CA TYR A 435 9.42 1.81 11.22
C TYR A 435 9.09 3.29 11.21
C TYR A 435 9.10 3.28 11.21
N VAL A 436 8.40 3.83 10.22
CA VAL A 436 7.97 5.24 10.33
C VAL A 436 6.99 5.36 11.47
N ARG A 437 5.99 4.46 11.51
CA ARG A 437 5.03 4.53 12.65
C ARG A 437 5.76 4.46 13.98
N ALA A 438 6.68 3.50 14.10
CA ALA A 438 7.35 3.33 15.42
C ALA A 438 8.24 4.48 15.76
N ALA A 439 8.94 5.08 14.78
CA ALA A 439 9.80 6.22 15.08
C ALA A 439 8.98 7.43 15.46
N GLU A 440 7.86 7.68 14.77
CA GLU A 440 7.02 8.82 15.12
C GLU A 440 6.40 8.61 16.50
N MET A 441 5.96 7.40 16.81
CA MET A 441 5.32 7.17 18.11
C MET A 441 6.34 7.27 19.23
N LEU A 442 7.46 6.56 19.12
CA LEU A 442 8.48 6.56 20.19
C LEU A 442 8.98 7.97 20.50
N SER A 443 9.17 8.77 19.47
CA SER A 443 9.70 10.10 19.71
C SER A 443 8.60 11.10 20.10
N ALA A 444 7.33 10.77 19.93
CA ALA A 444 6.25 11.71 20.24
C ALA A 444 6.11 11.93 21.74
N TRP A 445 6.60 11.01 22.57
CA TRP A 445 6.37 11.11 24.01
C TRP A 445 7.05 12.34 24.62
N HIS A 446 8.12 12.80 23.98
CA HIS A 446 8.87 13.93 24.49
C HIS A 446 8.89 15.05 23.44
N SER A 447 9.16 16.24 23.93
CA SER A 447 9.64 17.29 23.07
C SER A 447 11.15 17.24 22.98
N TRP A 448 11.74 17.47 21.81
CA TRP A 448 13.17 17.33 21.58
C TRP A 448 13.74 18.66 21.18
N ASP A 449 14.93 18.95 21.74
CA ASP A 449 15.72 20.08 21.29
C ASP A 449 16.08 19.96 19.82
N GLY A 450 16.18 21.07 19.10
CA GLY A 450 16.50 21.12 17.70
C GLY A 450 17.79 20.39 17.38
N MET A 451 18.73 20.42 18.33
CA MET A 451 19.98 19.75 18.14
C MET A 451 19.87 18.23 17.97
N ALA A 452 18.76 17.65 18.43
CA ALA A 452 18.57 16.20 18.31
C ALA A 452 18.24 15.78 16.90
N ARG A 453 17.86 16.72 16.02
CA ARG A 453 17.51 16.50 14.63
C ARG A 453 16.40 15.47 14.47
N ILE A 454 15.49 15.39 15.44
CA ILE A 454 14.41 14.40 15.36
C ILE A 454 13.45 14.76 14.25
N GLU A 455 13.00 16.03 14.19
CA GLU A 455 12.03 16.42 13.18
C GLU A 455 12.65 16.25 11.81
N GLU A 456 13.93 16.60 11.64
CA GLU A 456 14.61 16.46 10.35
C GLU A 456 14.60 15.02 9.89
N ARG A 457 15.00 14.07 10.75
CA ARG A 457 15.06 12.64 10.33
C ARG A 457 13.66 12.11 10.06
N LEU A 458 12.67 12.50 10.87
CA LEU A 458 11.31 12.01 10.60
C LEU A 458 10.77 12.55 9.32
N GLU A 459 11.04 13.83 8.99
CA GLU A 459 10.55 14.39 7.73
C GLU A 459 11.16 13.64 6.57
N GLN A 460 12.48 13.38 6.62
CA GLN A 460 13.12 12.62 5.53
C GLN A 460 12.49 11.23 5.39
N ALA A 461 12.27 10.55 6.54
CA ALA A 461 11.66 9.19 6.45
C ALA A 461 10.28 9.23 5.84
N ARG A 462 9.43 10.17 6.32
CA ARG A 462 8.07 10.24 5.82
C ARG A 462 8.09 10.57 4.31
N ARG A 463 9.01 11.44 3.89
CA ARG A 463 8.99 11.84 2.48
C ARG A 463 9.49 10.73 1.56
N GLU A 464 10.49 9.95 2.01
CA GLU A 464 10.95 8.89 1.12
C GLU A 464 9.89 7.78 1.03
N LEU A 465 9.25 7.44 2.13
CA LEU A 465 8.17 6.43 2.07
C LEU A 465 7.02 6.95 1.23
N SER A 466 6.69 8.24 1.42
CA SER A 466 5.59 8.84 0.66
C SER A 466 5.90 8.82 -0.84
N LEU A 467 7.13 9.16 -1.24
CA LEU A 467 7.51 9.14 -2.64
C LEU A 467 7.27 7.76 -3.24
N PHE A 468 7.60 6.71 -2.48
CA PHE A 468 7.49 5.33 -3.03
C PHE A 468 6.05 4.92 -3.23
N GLN A 469 5.07 5.64 -2.66
CA GLN A 469 3.68 5.29 -2.94
C GLN A 469 3.27 5.68 -4.35
N HIS A 470 4.11 6.43 -5.08
CA HIS A 470 3.84 6.74 -6.48
C HIS A 470 3.47 5.48 -7.27
N HIS A 471 2.62 5.71 -8.30
CA HIS A 471 2.16 4.60 -9.15
C HIS A 471 3.21 4.05 -10.13
N ASP A 472 4.48 4.48 -10.02
CA ASP A 472 5.60 3.74 -10.60
C ASP A 472 6.65 3.33 -9.53
N GLY A 473 6.31 3.51 -8.26
CA GLY A 473 7.27 3.15 -7.18
C GLY A 473 6.89 1.77 -6.69
N ILE A 474 5.97 1.67 -5.74
CA ILE A 474 5.58 0.36 -5.16
C ILE A 474 5.06 -0.56 -6.22
N THR A 475 4.54 -0.04 -7.33
CA THR A 475 4.04 -0.91 -8.42
C THR A 475 5.13 -1.71 -9.12
N GLY A 476 6.40 -1.32 -8.99
CA GLY A 476 7.40 -2.10 -9.72
C GLY A 476 7.39 -1.84 -11.23
N THR A 477 6.96 -0.63 -11.65
CA THR A 477 6.88 -0.32 -13.07
C THR A 477 7.90 0.72 -13.53
N ALA A 478 8.97 0.95 -12.72
CA ALA A 478 9.98 1.94 -13.15
C ALA A 478 11.16 1.28 -13.76
N LYS A 479 12.04 2.07 -14.43
CA LYS A 479 13.29 1.50 -14.96
C LYS A 479 14.20 1.07 -13.81
N THR A 480 15.10 0.14 -14.14
CA THR A 480 16.02 -0.39 -13.13
C THR A 480 16.74 0.66 -12.30
N HIS A 481 17.28 1.71 -12.94
CA HIS A 481 18.05 2.69 -12.13
C HIS A 481 17.16 3.55 -11.27
N VAL A 482 15.87 3.61 -11.63
CA VAL A 482 14.91 4.37 -10.82
C VAL A 482 14.48 3.52 -9.62
N VAL A 483 14.28 2.21 -9.83
CA VAL A 483 14.05 1.33 -8.69
C VAL A 483 15.20 1.43 -7.69
N VAL A 484 16.45 1.48 -8.22
CA VAL A 484 17.61 1.62 -7.31
C VAL A 484 17.53 2.91 -6.55
N ASP A 485 17.14 4.00 -7.17
CA ASP A 485 16.98 5.28 -6.47
C ASP A 485 15.94 5.16 -5.38
N TYR A 486 14.78 4.56 -5.65
CA TYR A 486 13.76 4.42 -4.58
C TYR A 486 14.32 3.59 -3.43
N GLU A 487 15.04 2.48 -3.74
CA GLU A 487 15.59 1.65 -2.69
C GLU A 487 16.60 2.40 -1.85
N GLN A 488 17.46 3.18 -2.48
CA GLN A 488 18.46 3.95 -1.74
C GLN A 488 17.82 4.99 -0.84
N ARG A 489 16.74 5.62 -1.35
CA ARG A 489 15.98 6.57 -0.52
C ARG A 489 15.35 5.85 0.67
N MET A 490 14.75 4.66 0.43
CA MET A 490 14.11 3.96 1.55
C MET A 490 15.16 3.45 2.53
N GLN A 491 16.37 3.11 2.05
CA GLN A 491 17.40 2.69 3.01
C GLN A 491 17.80 3.85 3.92
N GLU A 492 17.91 5.05 3.34
CA GLU A 492 18.23 6.21 4.19
C GLU A 492 17.08 6.48 5.14
N ALA A 493 15.84 6.31 4.67
CA ALA A 493 14.70 6.49 5.57
C ALA A 493 14.73 5.45 6.72
N LEU A 494 15.08 4.18 6.46
CA LEU A 494 15.18 3.18 7.55
C LEU A 494 16.24 3.61 8.56
N LYS A 495 17.37 4.13 8.08
CA LYS A 495 18.46 4.58 8.98
C LYS A 495 17.98 5.74 9.83
N ALA A 496 17.23 6.66 9.25
CA ALA A 496 16.65 7.79 9.96
C ALA A 496 15.70 7.29 11.07
N CYS A 497 14.83 6.35 10.73
CA CYS A 497 13.91 5.79 11.72
C CYS A 497 14.69 5.14 12.85
N GLN A 498 15.70 4.33 12.52
CA GLN A 498 16.48 3.65 13.56
C GLN A 498 17.08 4.70 14.51
N MET A 499 17.66 5.77 13.96
CA MET A 499 18.31 6.77 14.83
C MET A 499 17.31 7.36 15.78
N VAL A 500 16.11 7.76 15.25
CA VAL A 500 15.10 8.35 16.11
C VAL A 500 14.61 7.36 17.16
N MET A 501 14.34 6.13 16.72
CA MET A 501 13.84 5.12 17.68
C MET A 501 14.84 4.88 18.78
N GLN A 502 16.11 4.73 18.46
CA GLN A 502 17.06 4.30 19.53
C GLN A 502 17.32 5.51 20.46
N GLN A 503 17.35 6.73 19.92
CA GLN A 503 17.48 7.89 20.84
C GLN A 503 16.31 7.93 21.79
N SER A 504 15.10 7.65 21.24
CA SER A 504 13.88 7.67 22.08
C SER A 504 13.85 6.60 23.16
N VAL A 505 14.27 5.39 22.79
CA VAL A 505 14.34 4.31 23.79
C VAL A 505 15.31 4.67 24.92
N TYR A 506 16.47 5.20 24.55
CA TYR A 506 17.44 5.59 25.60
C TYR A 506 16.83 6.63 26.52
N ARG A 507 16.09 7.62 25.99
CA ARG A 507 15.50 8.64 26.86
C ARG A 507 14.35 8.08 27.68
N LEU A 508 13.53 7.20 27.13
CA LEU A 508 12.37 6.69 27.84
C LEU A 508 12.71 5.72 28.98
N LEU A 509 13.89 5.11 28.89
CA LEU A 509 14.27 4.04 29.83
C LEU A 509 15.53 4.38 30.62
N THR A 510 15.92 5.65 30.69
CA THR A 510 17.08 5.98 31.54
C THR A 510 16.64 6.97 32.62
N LYS A 511 17.08 6.73 33.84
CA LYS A 511 16.76 7.65 34.95
C LYS A 511 17.02 9.08 34.52
N PRO A 512 16.03 9.97 34.64
CA PRO A 512 16.18 11.32 34.09
C PRO A 512 17.39 12.09 34.57
N SER A 513 17.78 11.99 35.83
CA SER A 513 18.95 12.77 36.30
C SER A 513 20.28 12.14 35.87
N ILE A 514 20.24 11.00 35.21
CA ILE A 514 21.45 10.38 34.66
C ILE A 514 21.53 10.57 33.14
N TYR A 515 20.40 10.64 32.46
CA TYR A 515 20.32 10.74 31.01
C TYR A 515 21.25 11.82 30.46
N SER A 516 22.19 11.44 29.57
CA SER A 516 23.20 12.37 29.06
C SER A 516 23.44 12.13 27.59
N PRO A 517 22.47 12.54 26.77
CA PRO A 517 22.53 12.09 25.37
C PRO A 517 23.53 12.86 24.50
N ASP A 518 24.14 12.06 23.64
CA ASP A 518 24.87 12.51 22.48
C ASP A 518 23.93 12.18 21.33
N PHE A 519 23.34 13.19 20.70
CA PHE A 519 22.33 12.89 19.68
C PHE A 519 22.89 12.28 18.42
N SER A 520 24.21 12.13 18.28
CA SER A 520 24.83 11.46 17.15
C SER A 520 25.18 10.01 17.50
N PHE A 521 25.09 9.62 18.77
CA PHE A 521 25.57 8.30 19.22
C PHE A 521 24.53 7.18 19.02
N SER A 522 25.00 5.95 18.82
CA SER A 522 24.16 4.77 18.77
C SER A 522 24.11 4.11 20.14
N TYR A 523 23.10 4.37 20.93
CA TYR A 523 22.86 3.71 22.18
C TYR A 523 22.33 2.31 21.98
N PHE A 524 21.52 2.10 20.95
CA PHE A 524 20.99 0.80 20.60
C PHE A 524 21.10 0.60 19.08
N THR A 525 21.22 -0.69 18.71
CA THR A 525 20.96 -0.96 17.28
C THR A 525 19.69 -1.80 17.19
N LEU A 526 18.95 -1.64 16.10
CA LEU A 526 17.80 -2.46 15.85
C LEU A 526 18.24 -3.84 15.38
N ASP A 527 17.50 -4.83 15.82
CA ASP A 527 17.68 -6.20 15.32
C ASP A 527 16.38 -6.60 14.64
N ASP A 528 16.44 -6.92 13.37
CA ASP A 528 15.22 -7.28 12.64
C ASP A 528 15.44 -8.65 12.04
N SER A 529 14.66 -9.62 12.44
CA SER A 529 14.81 -10.99 12.02
C SER A 529 14.23 -11.25 10.65
N ARG A 530 13.45 -10.34 10.10
CA ARG A 530 12.74 -10.65 8.87
C ARG A 530 13.04 -9.66 7.79
N TRP A 531 13.90 -8.68 8.01
CA TRP A 531 14.28 -7.76 6.91
C TRP A 531 15.71 -7.33 7.07
N PRO A 532 16.53 -7.45 6.04
CA PRO A 532 16.17 -8.04 4.72
C PRO A 532 15.93 -9.54 4.75
N GLY A 533 16.35 -10.19 5.81
CA GLY A 533 16.14 -11.62 5.97
C GLY A 533 17.42 -12.41 5.85
N SER A 534 17.37 -13.50 6.62
CA SER A 534 18.27 -14.61 6.53
C SER A 534 18.16 -15.07 5.06
N GLY A 535 19.38 -15.06 4.52
CA GLY A 535 19.57 -15.52 3.15
C GLY A 535 19.49 -14.38 2.18
N VAL A 536 19.06 -13.20 2.68
CA VAL A 536 19.00 -12.04 1.79
C VAL A 536 20.21 -11.19 2.13
N GLU A 537 20.47 -10.85 3.37
CA GLU A 537 21.67 -10.03 3.65
C GLU A 537 22.17 -10.49 5.02
N ASP A 538 23.45 -10.68 5.27
CA ASP A 538 23.76 -11.03 6.68
C ASP A 538 24.12 -9.70 7.34
N SER A 539 23.07 -9.13 7.92
CA SER A 539 23.19 -7.82 8.51
C SER A 539 22.93 -7.88 10.01
N ARG A 540 22.46 -8.99 10.55
CA ARG A 540 22.17 -8.98 11.97
C ARG A 540 23.44 -8.98 12.79
N THR A 541 23.43 -8.28 13.91
CA THR A 541 24.61 -8.30 14.74
C THR A 541 24.42 -9.44 15.74
N THR A 542 25.49 -10.12 16.00
CA THR A 542 25.56 -11.10 17.07
C THR A 542 25.85 -10.42 18.40
N ILE A 543 25.11 -10.76 19.44
CA ILE A 543 25.49 -10.31 20.78
C ILE A 543 26.64 -11.18 21.26
N ILE A 544 27.77 -10.48 21.48
CA ILE A 544 28.99 -11.19 21.83
C ILE A 544 29.20 -11.13 23.33
N LEU A 545 29.10 -12.32 23.92
CA LEU A 545 29.25 -12.51 25.36
C LEU A 545 30.44 -13.41 25.61
N GLY A 546 31.07 -13.30 26.78
CA GLY A 546 32.16 -14.24 27.12
C GLY A 546 32.67 -13.86 28.47
N GLU A 547 33.21 -14.86 29.19
CA GLU A 547 33.74 -14.63 30.54
C GLU A 547 34.86 -13.60 30.59
N ASP A 548 35.63 -13.56 29.51
CA ASP A 548 36.76 -12.62 29.41
C ASP A 548 36.41 -11.36 28.63
N ILE A 549 35.15 -11.06 28.35
CA ILE A 549 34.83 -9.83 27.62
C ILE A 549 33.58 -9.13 28.16
N LEU A 550 32.48 -9.88 28.34
CA LEU A 550 31.22 -9.20 28.66
C LEU A 550 30.24 -10.30 29.12
N PRO A 551 29.82 -10.28 30.35
CA PRO A 551 28.92 -11.34 30.83
C PRO A 551 27.46 -11.27 30.37
N SER A 552 26.96 -10.06 30.11
CA SER A 552 25.55 -9.90 29.85
C SER A 552 25.27 -8.71 28.95
N LYS A 553 24.04 -8.68 28.42
CA LYS A 553 23.57 -7.63 27.52
C LYS A 553 22.10 -7.34 27.75
N HIS A 554 21.78 -6.04 27.82
CA HIS A 554 20.41 -5.62 27.83
C HIS A 554 19.84 -5.51 26.40
N VAL A 555 18.63 -5.96 26.27
CA VAL A 555 17.83 -5.79 25.05
C VAL A 555 16.49 -5.19 25.45
N VAL A 556 15.91 -4.44 24.49
CA VAL A 556 14.62 -3.75 24.78
C VAL A 556 13.63 -4.04 23.64
N MET A 557 12.41 -4.37 23.96
CA MET A 557 11.38 -4.53 22.94
C MET A 557 10.40 -3.35 23.02
N HIS A 558 9.97 -2.89 21.85
CA HIS A 558 8.90 -1.89 21.73
C HIS A 558 7.67 -2.51 21.09
N ASN A 559 6.50 -2.12 21.61
CA ASN A 559 5.23 -2.58 21.08
C ASN A 559 4.39 -1.37 20.64
N THR A 560 4.31 -1.13 19.35
CA THR A 560 3.55 0.05 18.88
C THR A 560 2.05 -0.12 19.01
N LEU A 561 1.51 -1.33 19.21
CA LEU A 561 0.07 -1.52 19.29
C LEU A 561 -0.44 -1.13 20.68
N PRO A 562 -1.65 -0.61 20.76
CA PRO A 562 -2.24 -0.14 22.04
C PRO A 562 -2.87 -1.26 22.88
N HIS A 563 -2.27 -2.45 22.91
CA HIS A 563 -2.70 -3.47 23.86
C HIS A 563 -1.46 -4.23 24.31
N TRP A 564 -1.51 -4.85 25.48
CA TRP A 564 -0.40 -5.69 25.91
C TRP A 564 -0.13 -6.79 24.90
N ARG A 565 1.17 -7.03 24.64
CA ARG A 565 1.46 -8.11 23.69
C ARG A 565 2.55 -8.97 24.24
N GLU A 566 2.36 -10.27 24.09
CA GLU A 566 3.44 -11.21 24.23
C GLU A 566 3.76 -11.73 22.83
N GLN A 567 5.02 -11.95 22.58
CA GLN A 567 5.42 -12.42 21.25
C GLN A 567 6.82 -13.02 21.45
N LEU A 568 7.10 -14.14 20.81
CA LEU A 568 8.46 -14.63 20.82
C LEU A 568 9.33 -13.66 20.05
N VAL A 569 10.53 -13.42 20.59
CA VAL A 569 11.58 -12.63 19.93
C VAL A 569 12.83 -13.47 19.89
N ASP A 570 13.70 -13.19 18.92
CA ASP A 570 14.97 -13.93 18.83
CA ASP A 570 14.99 -13.93 18.89
C ASP A 570 16.13 -12.99 18.62
N PHE A 571 17.29 -13.42 19.11
CA PHE A 571 18.54 -12.69 18.90
C PHE A 571 19.64 -13.70 18.57
N TYR A 572 20.67 -13.23 17.85
CA TYR A 572 21.87 -14.04 17.66
C TYR A 572 22.81 -13.78 18.85
N VAL A 573 23.39 -14.87 19.37
CA VAL A 573 24.32 -14.78 20.47
C VAL A 573 25.54 -15.66 20.19
N SER A 574 26.66 -15.31 20.82
CA SER A 574 27.91 -16.00 20.50
C SER A 574 28.15 -17.24 21.34
N SER A 575 27.22 -17.66 22.17
CA SER A 575 27.28 -18.89 22.93
C SER A 575 25.89 -19.54 22.99
N PRO A 576 25.83 -20.86 23.06
CA PRO A 576 24.51 -21.46 23.29
C PRO A 576 24.11 -21.40 24.77
N PHE A 577 25.04 -21.06 25.66
CA PHE A 577 24.77 -21.12 27.09
C PHE A 577 24.40 -19.72 27.60
N VAL A 578 23.15 -19.36 27.22
CA VAL A 578 22.62 -18.05 27.54
C VAL A 578 21.28 -18.17 28.24
N SER A 579 21.05 -17.36 29.25
CA SER A 579 19.75 -17.35 29.90
C SER A 579 19.21 -15.94 29.92
N VAL A 580 17.89 -15.87 30.07
CA VAL A 580 17.22 -14.59 29.99
C VAL A 580 16.51 -14.26 31.29
N THR A 581 16.58 -13.01 31.69
CA THR A 581 15.82 -12.50 32.81
C THR A 581 15.13 -11.19 32.41
N ASP A 582 14.05 -10.86 33.11
CA ASP A 582 13.47 -9.54 33.02
C ASP A 582 14.23 -8.57 33.93
N LEU A 583 13.83 -7.32 34.02
CA LEU A 583 14.66 -6.45 34.82
C LEU A 583 14.23 -6.49 36.27
N ALA A 584 13.43 -7.49 36.69
CA ALA A 584 13.36 -7.77 38.14
C ALA A 584 14.14 -9.05 38.42
N ASN A 585 14.96 -9.46 37.46
CA ASN A 585 15.78 -10.64 37.57
C ASN A 585 14.92 -11.90 37.64
N ASN A 586 13.68 -11.89 37.15
CA ASN A 586 12.87 -13.12 37.13
C ASN A 586 13.37 -13.90 35.91
N PRO A 587 13.62 -15.18 36.06
CA PRO A 587 14.05 -15.99 34.89
C PRO A 587 12.94 -16.00 33.86
N VAL A 588 13.35 -16.02 32.59
CA VAL A 588 12.39 -16.15 31.48
C VAL A 588 12.73 -17.41 30.71
N GLU A 589 11.79 -18.30 30.46
CA GLU A 589 12.05 -19.50 29.68
CA GLU A 589 12.09 -19.50 29.69
C GLU A 589 12.54 -19.17 28.27
N ALA A 590 13.55 -19.83 27.77
CA ALA A 590 14.11 -19.53 26.49
C ALA A 590 14.46 -20.84 25.76
N GLN A 591 14.61 -20.71 24.46
CA GLN A 591 15.01 -21.84 23.62
C GLN A 591 16.20 -21.39 22.80
N VAL A 592 17.21 -22.23 22.69
CA VAL A 592 18.29 -21.94 21.77
C VAL A 592 18.26 -22.92 20.61
N SER A 593 18.49 -22.38 19.40
CA SER A 593 18.47 -23.14 18.16
C SER A 593 19.72 -22.80 17.40
N PRO A 594 20.13 -23.62 16.46
CA PRO A 594 21.27 -23.22 15.61
C PRO A 594 20.91 -22.09 14.66
N VAL A 595 21.93 -21.46 14.07
CA VAL A 595 21.72 -20.51 12.96
C VAL A 595 22.00 -21.27 11.67
N TRP A 596 20.96 -21.54 10.91
CA TRP A 596 21.02 -22.33 9.69
C TRP A 596 20.95 -21.40 8.49
N SER A 597 21.83 -21.65 7.51
CA SER A 597 21.81 -20.91 6.26
C SER A 597 21.80 -21.93 5.11
N TRP A 598 21.11 -21.51 4.08
CA TRP A 598 20.95 -22.44 2.95
C TRP A 598 21.90 -22.05 1.83
N HIS A 599 22.51 -23.05 1.23
CA HIS A 599 23.45 -22.77 0.17
C HIS A 599 23.10 -23.57 -1.04
N HIS A 600 23.08 -22.91 -2.20
CA HIS A 600 23.10 -23.68 -3.43
C HIS A 600 24.50 -24.10 -3.69
N ASP A 601 24.73 -25.37 -3.41
CA ASP A 601 26.06 -25.98 -3.61
C ASP A 601 26.30 -26.33 -5.07
N THR A 602 27.17 -25.57 -5.75
CA THR A 602 27.51 -25.81 -7.14
C THR A 602 28.32 -27.10 -7.29
N LEU A 603 29.03 -27.55 -6.27
CA LEU A 603 29.73 -28.82 -6.48
C LEU A 603 28.75 -29.98 -6.51
N THR A 604 27.92 -30.14 -5.49
CA THR A 604 26.95 -31.24 -5.48
C THR A 604 25.64 -30.98 -6.20
N LYS A 605 25.38 -29.73 -6.59
CA LYS A 605 24.15 -29.40 -7.29
C LYS A 605 22.93 -29.67 -6.43
N THR A 606 23.10 -29.45 -5.13
CA THR A 606 21.93 -29.53 -4.22
C THR A 606 21.82 -28.21 -3.45
N ILE A 607 20.65 -28.02 -2.86
CA ILE A 607 20.40 -26.88 -1.97
C ILE A 607 20.28 -27.42 -0.55
N HIS A 608 21.20 -27.01 0.32
CA HIS A 608 21.18 -27.69 1.62
C HIS A 608 21.65 -26.72 2.67
N PRO A 609 21.32 -26.99 3.93
CA PRO A 609 21.66 -26.04 4.99
C PRO A 609 22.98 -26.32 5.67
N GLN A 610 23.59 -25.24 6.11
CA GLN A 610 24.81 -25.30 6.91
C GLN A 610 24.54 -24.64 8.24
N GLY A 611 25.07 -25.17 9.32
CA GLY A 611 24.83 -24.47 10.59
C GLY A 611 26.06 -23.73 11.01
N SER A 612 25.82 -22.62 11.69
CA SER A 612 26.97 -21.89 12.20
C SER A 612 27.65 -22.63 13.36
N THR A 613 28.96 -22.48 13.44
CA THR A 613 29.67 -23.03 14.59
C THR A 613 30.12 -21.92 15.55
N THR A 614 29.64 -20.70 15.38
CA THR A 614 30.06 -19.61 16.24
C THR A 614 28.95 -18.69 16.69
N LYS A 615 27.75 -18.87 16.18
CA LYS A 615 26.63 -18.03 16.65
C LYS A 615 25.38 -18.88 16.67
N TYR A 616 24.43 -18.51 17.53
CA TYR A 616 23.27 -19.31 17.89
C TYR A 616 22.08 -18.39 18.03
N ARG A 617 20.87 -18.94 17.94
CA ARG A 617 19.68 -18.12 18.11
C ARG A 617 19.08 -18.40 19.48
N ILE A 618 18.81 -17.35 20.24
CA ILE A 618 18.02 -17.53 21.46
C ILE A 618 16.67 -16.88 21.27
N ILE A 619 15.63 -17.56 21.70
CA ILE A 619 14.25 -17.18 21.53
C ILE A 619 13.56 -17.17 22.85
N PHE A 620 12.74 -16.17 23.14
CA PHE A 620 12.00 -16.14 24.39
C PHE A 620 10.77 -15.27 24.20
N LYS A 621 9.81 -15.40 25.08
CA LYS A 621 8.60 -14.56 25.01
C LYS A 621 8.81 -13.23 25.67
N ALA A 622 8.66 -12.15 24.90
CA ALA A 622 8.69 -10.82 25.47
C ALA A 622 7.28 -10.34 25.76
N ARG A 623 7.04 -9.71 26.91
CA ARG A 623 5.71 -9.21 27.29
C ARG A 623 5.89 -7.69 27.40
N VAL A 624 5.15 -6.98 26.57
CA VAL A 624 5.44 -5.53 26.40
C VAL A 624 4.15 -4.72 26.54
N PRO A 625 4.20 -3.61 27.30
CA PRO A 625 3.00 -2.83 27.52
C PRO A 625 2.41 -2.24 26.23
N PRO A 626 1.17 -1.77 26.31
CA PRO A 626 0.56 -1.04 25.16
C PRO A 626 1.45 0.15 24.82
N MET A 627 1.79 0.34 23.55
CA MET A 627 2.59 1.51 23.11
C MET A 627 3.80 1.71 24.00
N GLY A 628 4.43 0.58 24.39
CA GLY A 628 5.41 0.66 25.48
C GLY A 628 6.70 -0.11 25.19
N LEU A 629 7.51 -0.23 26.22
CA LEU A 629 8.81 -0.85 26.16
C LEU A 629 9.05 -1.80 27.32
N ALA A 630 9.84 -2.85 27.07
CA ALA A 630 10.19 -3.79 28.16
C ALA A 630 11.64 -4.20 27.96
N THR A 631 12.40 -4.25 29.04
CA THR A 631 13.82 -4.56 29.00
C THR A 631 14.09 -5.97 29.52
N TYR A 632 15.00 -6.67 28.86
CA TYR A 632 15.41 -8.01 29.28
C TYR A 632 16.93 -8.06 29.27
N VAL A 633 17.48 -9.05 29.96
CA VAL A 633 18.92 -9.22 30.02
C VAL A 633 19.30 -10.65 29.59
N LEU A 634 20.31 -10.76 28.75
CA LEU A 634 20.87 -12.03 28.27
CA LEU A 634 20.86 -12.05 28.30
C LEU A 634 22.21 -12.24 28.98
N THR A 635 22.37 -13.40 29.65
CA THR A 635 23.60 -13.59 30.45
C THR A 635 24.25 -14.91 30.03
N ILE A 636 25.57 -14.92 29.89
CA ILE A 636 26.25 -16.18 29.53
C ILE A 636 26.55 -16.97 30.79
N SER A 637 26.64 -18.31 30.57
CA SER A 637 27.10 -19.19 31.65
C SER A 637 28.01 -20.23 31.04
N ASP A 638 28.64 -21.03 31.91
CA ASP A 638 29.61 -21.97 31.40
C ASP A 638 29.00 -23.28 30.88
N SER A 639 27.72 -23.49 31.16
CA SER A 639 27.04 -24.75 30.89
C SER A 639 25.56 -24.48 30.69
N LYS A 640 24.81 -25.49 30.33
CA LYS A 640 23.37 -25.32 30.09
C LYS A 640 22.70 -24.65 31.26
N PRO A 641 22.10 -23.50 31.03
CA PRO A 641 21.32 -22.88 32.09
C PRO A 641 19.95 -23.52 32.36
N GLU A 642 19.52 -23.32 33.60
CA GLU A 642 18.30 -24.00 34.05
C GLU A 642 17.07 -23.71 33.21
N HIS A 643 16.88 -22.49 32.74
CA HIS A 643 15.63 -22.07 32.07
C HIS A 643 15.76 -21.91 30.57
N THR A 644 16.79 -22.51 30.01
CA THR A 644 17.02 -22.52 28.57
C THR A 644 17.01 -23.96 28.08
N SER A 645 16.22 -24.24 27.05
CA SER A 645 16.18 -25.54 26.41
C SER A 645 16.82 -25.45 25.01
N TYR A 646 17.09 -26.59 24.40
CA TYR A 646 17.79 -26.66 23.11
C TYR A 646 16.97 -27.45 22.12
N ALA A 647 16.76 -26.88 20.94
CA ALA A 647 15.97 -27.59 19.92
C ALA A 647 16.71 -28.80 19.39
N SER A 648 15.97 -29.80 19.01
CA SER A 648 16.57 -30.88 18.23
C SER A 648 16.52 -30.48 16.76
N ASN A 649 17.35 -31.13 15.93
CA ASN A 649 17.43 -30.84 14.51
C ASN A 649 17.55 -32.17 13.77
N LEU A 650 16.76 -32.29 12.71
CA LEU A 650 16.71 -33.52 11.90
C LEU A 650 16.84 -33.09 10.44
N LEU A 651 17.87 -33.58 9.76
CA LEU A 651 18.10 -33.33 8.35
C LEU A 651 17.62 -34.54 7.54
N LEU A 652 16.63 -34.35 6.69
CA LEU A 652 16.07 -35.43 5.91
C LEU A 652 16.60 -35.31 4.50
N ARG A 653 17.39 -36.30 4.12
CA ARG A 653 17.91 -36.37 2.78
C ARG A 653 18.67 -37.67 2.60
N LYS A 654 18.73 -38.14 1.35
CA LYS A 654 19.57 -39.32 1.12
C LYS A 654 21.00 -38.76 1.08
N ASN A 655 21.98 -39.60 1.32
CA ASN A 655 23.34 -39.10 1.19
C ASN A 655 23.72 -37.95 2.11
N PRO A 656 23.42 -38.02 3.39
CA PRO A 656 23.76 -36.88 4.22
C PRO A 656 25.24 -36.90 4.52
N THR A 657 25.67 -35.69 4.90
CA THR A 657 26.98 -35.54 5.49
C THR A 657 26.80 -34.81 6.81
N SER A 658 27.81 -34.84 7.66
CA SER A 658 27.71 -34.32 9.01
C SER A 658 27.46 -32.80 9.05
N LEU A 659 26.95 -32.38 10.21
CA LEU A 659 26.56 -30.99 10.42
C LEU A 659 26.98 -30.59 11.84
N PRO A 660 28.26 -30.32 12.03
CA PRO A 660 28.74 -29.91 13.36
C PRO A 660 28.22 -28.52 13.69
N LEU A 661 28.04 -28.25 14.98
CA LEU A 661 27.38 -27.01 15.40
C LEU A 661 28.22 -26.30 16.47
N GLY A 662 29.55 -26.44 16.41
CA GLY A 662 30.30 -25.68 17.44
C GLY A 662 29.96 -26.18 18.82
N GLN A 663 29.64 -25.30 19.77
CA GLN A 663 29.30 -25.71 21.12
C GLN A 663 27.85 -26.17 21.33
N TYR A 664 27.00 -26.14 20.31
CA TYR A 664 25.57 -26.45 20.49
C TYR A 664 25.43 -27.85 21.14
N PRO A 665 24.67 -28.01 22.21
CA PRO A 665 24.77 -29.27 22.96
C PRO A 665 24.01 -30.45 22.39
N GLU A 666 23.28 -30.31 21.28
CA GLU A 666 22.51 -31.45 20.77
C GLU A 666 23.01 -31.83 19.40
N ASP A 667 23.43 -33.06 19.14
CA ASP A 667 23.89 -33.42 17.80
C ASP A 667 22.76 -33.48 16.78
N VAL A 668 23.00 -33.02 15.59
CA VAL A 668 21.99 -33.16 14.52
C VAL A 668 21.74 -34.62 14.21
N LYS A 669 20.49 -34.95 13.92
CA LYS A 669 20.10 -36.30 13.52
C LYS A 669 19.81 -36.30 12.03
N PHE A 670 19.93 -37.44 11.40
CA PHE A 670 19.75 -37.60 9.98
C PHE A 670 18.75 -38.70 9.64
N GLY A 671 18.08 -38.62 8.48
CA GLY A 671 17.17 -39.70 8.10
C GLY A 671 16.86 -39.56 6.63
N ASP A 672 16.34 -40.61 6.00
CA ASP A 672 15.82 -40.48 4.66
C ASP A 672 14.55 -39.61 4.64
N PRO A 673 14.20 -38.96 3.52
CA PRO A 673 12.94 -38.21 3.44
C PRO A 673 11.74 -39.01 3.92
N ARG A 674 10.86 -38.35 4.66
CA ARG A 674 9.70 -39.07 5.18
C ARG A 674 8.68 -38.01 5.59
N GLU A 675 7.42 -38.41 5.65
CA GLU A 675 6.38 -37.54 6.21
C GLU A 675 6.67 -37.32 7.69
N ILE A 676 6.28 -36.14 8.13
CA ILE A 676 6.47 -35.82 9.54
CA ILE A 676 6.61 -35.53 9.41
C ILE A 676 5.36 -34.91 10.00
N SER A 677 5.12 -35.00 11.30
CA SER A 677 4.06 -34.22 11.96
C SER A 677 4.69 -33.43 13.11
N LEU A 678 4.23 -32.21 13.38
CA LEU A 678 4.74 -31.41 14.48
C LEU A 678 3.60 -30.69 15.21
N ARG A 679 3.76 -30.50 16.51
CA ARG A 679 2.85 -29.71 17.32
C ARG A 679 3.65 -28.93 18.35
N VAL A 680 3.46 -27.61 18.38
CA VAL A 680 4.03 -26.77 19.42
C VAL A 680 2.95 -26.37 20.43
N GLY A 681 3.25 -26.47 21.70
CA GLY A 681 2.30 -26.14 22.76
C GLY A 681 1.02 -26.95 22.58
N ASN A 682 -0.14 -26.34 22.84
CA ASN A 682 -1.34 -27.17 22.64
C ASN A 682 -2.02 -26.71 21.34
N GLY A 683 -1.22 -26.13 20.46
CA GLY A 683 -1.57 -25.46 19.22
C GLY A 683 -1.90 -26.48 18.15
N PRO A 684 -2.04 -26.11 16.89
CA PRO A 684 -2.44 -27.11 15.89
C PRO A 684 -1.29 -28.11 15.61
N THR A 685 -1.63 -29.27 15.11
CA THR A 685 -0.69 -30.29 14.63
C THR A 685 -0.62 -30.22 13.11
N LEU A 686 0.57 -30.03 12.57
CA LEU A 686 0.77 -29.84 11.15
C LEU A 686 1.48 -31.09 10.61
N ALA A 687 0.99 -31.59 9.47
CA ALA A 687 1.65 -32.73 8.81
C ALA A 687 2.24 -32.25 7.48
N PHE A 688 3.42 -32.78 7.18
CA PHE A 688 4.22 -32.41 6.04
C PHE A 688 4.53 -33.62 5.16
N SER A 689 4.56 -33.33 3.85
CA SER A 689 4.99 -34.32 2.87
C SER A 689 6.46 -34.60 3.00
N GLU A 690 6.91 -35.66 2.32
CA GLU A 690 8.36 -35.95 2.28
C GLU A 690 9.16 -34.87 1.56
N GLN A 691 8.51 -34.00 0.80
CA GLN A 691 9.20 -32.86 0.23
C GLN A 691 9.16 -31.63 1.12
N GLY A 692 8.69 -31.72 2.37
CA GLY A 692 8.78 -30.58 3.29
C GLY A 692 7.65 -29.60 3.18
N LEU A 693 6.56 -29.96 2.54
CA LEU A 693 5.45 -29.03 2.30
C LEU A 693 4.24 -29.47 3.08
N LEU A 694 3.53 -28.50 3.63
CA LEU A 694 2.32 -28.81 4.38
C LEU A 694 1.35 -29.65 3.58
N LYS A 695 0.77 -30.63 4.26
CA LYS A 695 -0.30 -31.48 3.74
C LYS A 695 -1.58 -31.40 4.52
N SER A 696 -1.55 -31.18 5.82
CA SER A 696 -2.77 -31.11 6.61
C SER A 696 -2.54 -30.37 7.91
N ILE A 697 -3.65 -29.86 8.47
CA ILE A 697 -3.73 -29.17 9.74
C ILE A 697 -4.79 -29.82 10.62
N GLN A 698 -4.46 -30.21 11.83
CA GLN A 698 -5.40 -30.69 12.82
C GLN A 698 -5.55 -29.67 13.92
N LEU A 699 -6.68 -28.99 14.12
CA LEU A 699 -6.69 -27.85 15.07
C LEU A 699 -6.60 -28.25 16.53
N THR A 700 -7.24 -29.38 16.87
CA THR A 700 -7.28 -29.86 18.25
C THR A 700 -6.98 -31.36 18.29
N GLN A 701 -6.61 -31.83 19.46
CA GLN A 701 -6.16 -33.19 19.63
C GLN A 701 -7.21 -34.18 19.14
N ASP A 702 -8.47 -33.81 19.13
CA ASP A 702 -9.57 -34.66 18.74
C ASP A 702 -9.87 -34.63 17.26
N SER A 703 -9.76 -33.44 16.72
CA SER A 703 -10.36 -33.02 15.47
C SER A 703 -9.74 -33.64 14.25
N PRO A 704 -10.34 -33.46 13.06
CA PRO A 704 -9.77 -34.06 11.85
C PRO A 704 -8.49 -33.43 11.34
N HIS A 705 -7.73 -34.28 10.64
CA HIS A 705 -6.61 -33.72 9.88
C HIS A 705 -7.16 -33.11 8.60
N VAL A 706 -7.28 -31.77 8.57
CA VAL A 706 -7.88 -31.12 7.40
C VAL A 706 -6.85 -30.94 6.29
N PRO A 707 -7.14 -31.45 5.10
CA PRO A 707 -6.18 -31.26 3.99
C PRO A 707 -5.98 -29.79 3.63
N VAL A 708 -4.69 -29.41 3.64
CA VAL A 708 -4.25 -28.04 3.35
C VAL A 708 -2.88 -28.26 2.73
N HIS A 709 -2.76 -28.19 1.42
CA HIS A 709 -1.51 -28.55 0.75
CA HIS A 709 -1.49 -28.54 0.78
C HIS A 709 -0.85 -27.37 0.07
N PHE A 710 0.42 -27.11 0.40
CA PHE A 710 1.16 -26.09 -0.33
C PHE A 710 1.82 -26.68 -1.59
N LYS A 711 1.84 -25.95 -2.67
CA LYS A 711 2.45 -26.37 -3.92
C LYS A 711 3.03 -25.15 -4.60
N PHE A 712 4.18 -25.28 -5.22
CA PHE A 712 4.76 -24.23 -6.03
C PHE A 712 4.61 -24.55 -7.52
N LEU A 713 4.19 -23.60 -8.30
CA LEU A 713 3.96 -23.77 -9.73
C LEU A 713 4.59 -22.61 -10.50
N LYS A 714 4.64 -22.72 -11.82
CA LYS A 714 5.20 -21.66 -12.66
C LYS A 714 4.26 -21.35 -13.79
N TYR A 715 4.12 -20.05 -14.05
CA TYR A 715 3.52 -19.54 -15.25
C TYR A 715 4.60 -19.13 -16.24
N GLY A 716 4.31 -19.24 -17.52
CA GLY A 716 5.24 -18.76 -18.54
C GLY A 716 4.63 -17.58 -19.27
N VAL A 717 5.22 -17.33 -20.45
CA VAL A 717 4.85 -16.18 -21.29
C VAL A 717 4.49 -16.70 -22.64
N ARG A 718 3.64 -15.97 -23.36
CA ARG A 718 3.19 -16.41 -24.68
C ARG A 718 4.29 -16.31 -25.70
N SER A 719 4.31 -17.26 -26.62
CA SER A 719 5.28 -17.23 -27.69
C SER A 719 4.72 -16.55 -28.95
N HIS A 720 3.42 -16.29 -28.96
CA HIS A 720 2.81 -15.45 -29.99
C HIS A 720 1.89 -14.42 -29.34
N GLY A 721 1.74 -13.26 -29.98
CA GLY A 721 0.86 -12.26 -29.40
C GLY A 721 1.55 -11.45 -28.30
N ASP A 722 0.73 -11.01 -27.33
CA ASP A 722 1.26 -10.01 -26.41
C ASP A 722 2.05 -10.69 -25.26
N ARG A 723 3.16 -10.08 -24.87
CA ARG A 723 4.03 -10.58 -23.83
C ARG A 723 3.74 -9.91 -22.49
N SER A 724 3.76 -10.71 -21.42
CA SER A 724 3.78 -10.19 -20.07
C SER A 724 4.98 -9.27 -19.85
N GLY A 725 4.81 -8.26 -19.00
CA GLY A 725 5.93 -7.37 -18.65
C GLY A 725 5.63 -6.84 -17.26
N ALA A 726 6.24 -5.70 -16.91
CA ALA A 726 6.07 -5.19 -15.55
C ALA A 726 4.61 -4.91 -15.21
N TYR A 727 3.80 -4.49 -16.17
CA TYR A 727 2.39 -4.15 -15.94
C TYR A 727 1.47 -5.33 -16.14
N LEU A 728 1.64 -5.99 -17.31
CA LEU A 728 0.65 -6.98 -17.74
C LEU A 728 0.98 -8.41 -17.35
N PHE A 729 0.00 -9.20 -16.96
CA PHE A 729 0.16 -10.64 -16.76
C PHE A 729 -0.59 -11.32 -17.90
N LEU A 730 0.15 -11.99 -18.78
CA LEU A 730 -0.42 -12.63 -19.98
C LEU A 730 0.08 -14.07 -20.00
N PRO A 731 -0.41 -14.91 -19.10
CA PRO A 731 0.20 -16.26 -18.99
C PRO A 731 -0.12 -17.09 -20.21
N ASN A 732 0.73 -18.08 -20.47
CA ASN A 732 0.45 -19.04 -21.56
C ASN A 732 -0.29 -20.23 -20.98
N GLY A 733 -1.42 -20.03 -20.39
CA GLY A 733 -2.25 -21.06 -19.78
C GLY A 733 -2.00 -21.20 -18.29
N PRO A 734 -2.72 -22.11 -17.68
CA PRO A 734 -2.55 -22.38 -16.25
C PRO A 734 -1.15 -22.76 -15.89
N ALA A 735 -0.79 -22.56 -14.64
CA ALA A 735 0.54 -22.83 -14.16
C ALA A 735 0.85 -24.31 -14.17
N SER A 736 2.12 -24.61 -14.30
CA SER A 736 2.68 -25.99 -14.33
C SER A 736 3.44 -26.25 -13.05
N PRO A 737 3.41 -27.42 -12.39
CA PRO A 737 4.13 -27.59 -11.13
C PRO A 737 5.63 -27.42 -11.29
N VAL A 738 6.25 -26.79 -10.27
CA VAL A 738 7.73 -26.78 -10.23
C VAL A 738 8.20 -28.23 -9.99
N GLU A 739 9.20 -28.67 -10.78
CA GLU A 739 9.74 -29.99 -10.58
C GLU A 739 10.64 -29.95 -9.34
N LEU A 740 10.27 -30.71 -8.32
CA LEU A 740 11.05 -30.50 -7.08
C LEU A 740 12.21 -31.44 -6.89
N GLY A 741 12.40 -32.44 -7.72
CA GLY A 741 13.40 -33.46 -7.37
C GLY A 741 13.23 -34.10 -6.01
N GLN A 742 14.32 -34.31 -5.28
CA GLN A 742 14.35 -34.87 -3.94
C GLN A 742 14.94 -33.82 -2.99
N PRO A 743 14.19 -32.80 -2.62
CA PRO A 743 14.79 -31.67 -1.88
C PRO A 743 15.18 -32.10 -0.47
N VAL A 744 16.14 -31.32 0.06
CA VAL A 744 16.61 -31.51 1.45
C VAL A 744 15.69 -30.78 2.42
N VAL A 745 15.27 -31.46 3.46
CA VAL A 745 14.30 -30.95 4.42
C VAL A 745 14.94 -30.87 5.78
N LEU A 746 14.82 -29.76 6.50
CA LEU A 746 15.41 -29.56 7.80
C LEU A 746 14.28 -29.34 8.81
N VAL A 747 14.22 -30.15 9.85
CA VAL A 747 13.19 -30.10 10.88
C VAL A 747 13.87 -29.67 12.17
N THR A 748 13.42 -28.54 12.75
CA THR A 748 13.94 -28.10 14.05
C THR A 748 12.79 -28.15 15.02
N LYS A 749 12.94 -28.85 16.13
CA LYS A 749 11.83 -29.09 17.05
C LYS A 749 12.21 -28.55 18.41
N GLY A 750 11.47 -27.57 18.89
CA GLY A 750 11.79 -26.98 20.21
C GLY A 750 10.52 -26.79 21.01
N LYS A 751 10.66 -26.49 22.26
CA LYS A 751 9.54 -26.28 23.16
C LYS A 751 8.75 -25.05 22.79
N LEU A 752 9.43 -24.01 22.34
CA LEU A 752 8.83 -22.71 22.08
C LEU A 752 8.61 -22.49 20.59
N GLU A 753 9.44 -23.06 19.72
CA GLU A 753 9.35 -22.83 18.30
C GLU A 753 9.89 -24.05 17.55
N SER A 754 9.13 -24.51 16.59
CA SER A 754 9.55 -25.56 15.68
C SER A 754 9.41 -25.10 14.23
N SER A 755 10.11 -25.79 13.32
CA SER A 755 10.00 -25.40 11.91
C SER A 755 10.38 -26.54 10.99
N VAL A 756 9.82 -26.45 9.79
CA VAL A 756 10.22 -27.34 8.69
C VAL A 756 10.67 -26.44 7.55
N SER A 757 11.89 -26.60 7.08
CA SER A 757 12.41 -25.80 6.00
C SER A 757 12.85 -26.69 4.84
N VAL A 758 12.62 -26.29 3.61
CA VAL A 758 13.02 -27.12 2.47
C VAL A 758 13.60 -26.26 1.37
N GLY A 759 14.68 -26.74 0.77
CA GLY A 759 15.35 -26.01 -0.31
C GLY A 759 14.77 -26.44 -1.65
N LEU A 760 13.80 -25.72 -2.17
CA LEU A 760 13.22 -26.02 -3.48
C LEU A 760 13.86 -25.20 -4.54
N PRO A 761 13.67 -25.57 -5.81
CA PRO A 761 14.20 -24.68 -6.85
C PRO A 761 13.53 -23.30 -6.76
N SER A 762 14.35 -22.28 -6.65
CA SER A 762 14.03 -20.86 -6.54
C SER A 762 13.44 -20.45 -5.21
N VAL A 763 13.17 -21.36 -4.26
CA VAL A 763 12.52 -20.96 -3.00
C VAL A 763 13.02 -21.82 -1.85
N VAL A 764 13.53 -21.14 -0.81
CA VAL A 764 13.68 -21.84 0.46
C VAL A 764 12.39 -21.59 1.22
N HIS A 765 11.60 -22.63 1.40
CA HIS A 765 10.25 -22.53 1.96
C HIS A 765 10.29 -23.02 3.40
N GLN A 766 9.74 -22.23 4.33
CA GLN A 766 9.79 -22.51 5.75
CA GLN A 766 9.78 -22.58 5.74
C GLN A 766 8.42 -22.39 6.37
N THR A 767 8.05 -23.38 7.18
CA THR A 767 6.83 -23.33 7.98
C THR A 767 7.26 -23.29 9.45
N ILE A 768 6.86 -22.25 10.18
CA ILE A 768 7.29 -22.05 11.56
C ILE A 768 6.08 -22.09 12.46
N MET A 769 6.23 -22.80 13.60
CA MET A 769 5.17 -23.01 14.54
C MET A 769 5.59 -22.51 15.90
N ARG A 770 4.74 -21.67 16.48
CA ARG A 770 4.99 -21.12 17.81
CA ARG A 770 4.98 -21.14 17.81
C ARG A 770 3.81 -21.40 18.74
N GLY A 771 2.87 -22.21 18.29
CA GLY A 771 1.76 -22.64 19.14
C GLY A 771 0.44 -22.09 18.71
N GLY A 772 0.40 -21.23 17.69
CA GLY A 772 -0.89 -20.74 17.14
C GLY A 772 -0.81 -20.95 15.62
N ALA A 773 -1.38 -20.02 14.83
CA ALA A 773 -1.33 -20.11 13.39
C ALA A 773 0.12 -20.14 12.92
N PRO A 774 0.50 -21.03 11.99
CA PRO A 774 1.87 -21.06 11.52
C PRO A 774 2.23 -19.76 10.76
N GLU A 775 3.54 -19.54 10.72
CA GLU A 775 4.15 -18.53 9.90
C GLU A 775 4.85 -19.22 8.72
N ILE A 776 4.70 -18.67 7.52
CA ILE A 776 5.40 -19.16 6.35
C ILE A 776 6.41 -18.11 5.93
N ARG A 777 7.62 -18.52 5.67
CA ARG A 777 8.65 -17.64 5.07
C ARG A 777 9.17 -18.27 3.81
N ASN A 778 9.18 -17.52 2.70
CA ASN A 778 9.78 -17.96 1.46
C ASN A 778 10.95 -17.06 1.09
N LEU A 779 12.13 -17.64 0.99
CA LEU A 779 13.30 -16.92 0.46
C LEU A 779 13.27 -17.18 -1.04
N VAL A 780 12.84 -16.19 -1.81
CA VAL A 780 12.56 -16.40 -3.25
C VAL A 780 13.70 -15.80 -4.06
N ASP A 781 14.38 -16.67 -4.81
CA ASP A 781 15.44 -16.25 -5.71
C ASP A 781 15.22 -16.87 -7.05
N ILE A 782 14.55 -16.17 -7.94
CA ILE A 782 14.17 -16.68 -9.25
C ILE A 782 15.36 -16.76 -10.17
N GLY A 783 16.50 -16.23 -9.77
CA GLY A 783 17.75 -16.57 -10.48
C GLY A 783 17.69 -16.09 -11.90
N SER A 784 18.10 -16.94 -12.82
CA SER A 784 18.09 -16.56 -14.22
C SER A 784 16.93 -17.23 -14.97
N LEU A 785 15.85 -17.57 -14.25
CA LEU A 785 14.73 -18.20 -14.95
C LEU A 785 13.89 -17.21 -15.76
N ASP A 786 14.28 -17.01 -17.01
CA ASP A 786 13.60 -15.99 -17.79
C ASP A 786 12.15 -16.42 -18.11
N ASN A 787 11.30 -15.43 -18.24
CA ASN A 787 9.92 -15.60 -18.66
C ASN A 787 9.19 -16.60 -17.77
N THR A 788 9.32 -16.38 -16.48
CA THR A 788 8.77 -17.28 -15.45
C THR A 788 8.13 -16.46 -14.35
N GLU A 789 6.95 -16.88 -13.89
CA GLU A 789 6.35 -16.32 -12.72
C GLU A 789 6.13 -17.48 -11.74
N ILE A 790 6.65 -17.38 -10.52
CA ILE A 790 6.53 -18.45 -9.53
CA ILE A 790 6.54 -18.44 -9.52
C ILE A 790 5.36 -18.15 -8.62
N VAL A 791 4.43 -19.13 -8.51
CA VAL A 791 3.24 -18.97 -7.67
C VAL A 791 3.27 -19.97 -6.55
N MET A 792 2.81 -19.53 -5.37
CA MET A 792 2.57 -20.45 -4.25
C MET A 792 1.09 -20.72 -4.13
N ARG A 793 0.65 -21.95 -4.24
CA ARG A 793 -0.79 -22.29 -4.20
C ARG A 793 -1.06 -23.12 -2.96
N LEU A 794 -2.25 -22.91 -2.38
CA LEU A 794 -2.82 -23.75 -1.33
C LEU A 794 -4.02 -24.50 -1.91
N GLU A 795 -4.00 -25.83 -1.75
CA GLU A 795 -5.13 -26.65 -2.19
C GLU A 795 -5.85 -27.22 -0.97
N THR A 796 -7.18 -27.01 -0.89
CA THR A 796 -8.00 -27.51 0.17
C THR A 796 -9.27 -28.15 -0.38
N HIS A 797 -10.05 -28.69 0.54
CA HIS A 797 -11.39 -29.20 0.27
C HIS A 797 -12.51 -28.26 0.62
N ILE A 798 -12.16 -27.04 0.99
CA ILE A 798 -13.17 -26.05 1.30
C ILE A 798 -14.02 -25.81 0.06
N ASP A 799 -15.34 -25.87 0.21
CA ASP A 799 -16.27 -25.73 -0.88
C ASP A 799 -16.62 -24.26 -1.14
N SER A 800 -15.60 -23.52 -1.60
CA SER A 800 -15.72 -22.09 -1.81
C SER A 800 -16.38 -21.77 -3.15
N GLY A 801 -16.40 -22.70 -4.09
CA GLY A 801 -17.04 -22.45 -5.36
C GLY A 801 -16.27 -21.46 -6.17
N ASP A 802 -16.90 -20.34 -6.46
CA ASP A 802 -16.24 -19.28 -7.23
C ASP A 802 -15.97 -18.03 -6.40
N ILE A 803 -16.17 -18.12 -5.07
CA ILE A 803 -16.02 -16.93 -4.21
C ILE A 803 -14.72 -16.95 -3.45
N PHE A 804 -14.09 -15.78 -3.31
CA PHE A 804 -12.93 -15.63 -2.46
C PHE A 804 -12.92 -14.17 -2.01
N TYR A 805 -12.06 -13.84 -1.07
CA TYR A 805 -12.02 -12.49 -0.52
C TYR A 805 -10.60 -12.00 -0.54
N THR A 806 -10.40 -10.74 -0.89
CA THR A 806 -9.07 -10.14 -0.88
C THR A 806 -9.19 -8.79 -0.19
N ASP A 807 -8.08 -8.26 0.34
CA ASP A 807 -8.22 -6.94 0.96
C ASP A 807 -7.90 -5.82 -0.01
N LEU A 808 -8.35 -4.62 0.40
CA LEU A 808 -8.05 -3.40 -0.27
C LEU A 808 -7.24 -2.55 0.70
N ASN A 809 -5.95 -2.34 0.35
CA ASN A 809 -5.06 -1.44 1.06
C ASN A 809 -4.94 -1.75 2.54
N GLY A 810 -5.12 -3.00 2.96
CA GLY A 810 -5.01 -3.32 4.36
C GLY A 810 -6.14 -2.77 5.20
N LEU A 811 -7.22 -2.26 4.58
CA LEU A 811 -8.28 -1.59 5.30
C LEU A 811 -9.56 -2.40 5.36
N GLN A 812 -9.90 -3.16 4.33
CA GLN A 812 -11.21 -3.81 4.25
C GLN A 812 -11.04 -5.04 3.36
N PHE A 813 -11.91 -6.02 3.54
CA PHE A 813 -11.96 -7.19 2.68
C PHE A 813 -13.18 -7.15 1.79
N ILE A 814 -12.94 -7.41 0.51
CA ILE A 814 -14.01 -7.32 -0.50
C ILE A 814 -14.21 -8.72 -1.10
N LYS A 815 -15.48 -9.05 -1.29
CA LYS A 815 -15.84 -10.31 -1.98
C LYS A 815 -15.47 -10.23 -3.46
N ARG A 816 -14.80 -11.30 -3.89
CA ARG A 816 -14.47 -11.52 -5.30
C ARG A 816 -15.26 -12.73 -5.81
N ARG A 817 -15.59 -12.64 -7.10
CA ARG A 817 -16.17 -13.86 -7.74
C ARG A 817 -15.32 -14.16 -8.96
N ARG A 818 -14.77 -15.37 -9.00
CA ARG A 818 -14.02 -15.82 -10.17
CA ARG A 818 -14.02 -15.82 -10.17
C ARG A 818 -14.89 -16.07 -11.40
N LEU A 819 -14.61 -15.35 -12.47
CA LEU A 819 -15.50 -15.34 -13.66
C LEU A 819 -14.79 -16.07 -14.78
N ASP A 820 -15.32 -17.22 -15.16
CA ASP A 820 -14.73 -17.97 -16.25
C ASP A 820 -14.96 -17.32 -17.60
N LYS A 821 -15.84 -16.35 -17.69
CA LYS A 821 -15.98 -15.60 -18.93
C LYS A 821 -14.82 -14.65 -19.13
N LEU A 822 -13.96 -14.44 -18.13
CA LEU A 822 -12.79 -13.57 -18.25
C LEU A 822 -11.55 -14.45 -18.27
N PRO A 823 -10.44 -14.00 -18.86
CA PRO A 823 -9.22 -14.82 -18.85
C PRO A 823 -8.62 -14.87 -17.46
N LEU A 824 -7.70 -15.82 -17.28
CA LEU A 824 -7.06 -16.11 -16.02
C LEU A 824 -6.56 -14.83 -15.35
N GLN A 825 -5.81 -14.01 -16.10
CA GLN A 825 -5.18 -12.80 -15.54
C GLN A 825 -6.21 -11.77 -15.06
N ALA A 826 -7.43 -11.83 -15.54
CA ALA A 826 -8.46 -10.92 -15.03
C ALA A 826 -8.96 -11.35 -13.66
N ASN A 827 -8.75 -12.63 -13.28
CA ASN A 827 -9.21 -13.13 -11.99
C ASN A 827 -8.12 -12.96 -10.92
N TYR A 828 -6.99 -12.34 -11.30
CA TYR A 828 -5.98 -11.97 -10.32
C TYR A 828 -6.32 -10.60 -9.78
N TYR A 829 -6.15 -10.44 -8.48
CA TYR A 829 -6.44 -9.22 -7.71
C TYR A 829 -5.24 -8.88 -6.84
N PRO A 830 -5.18 -7.62 -6.38
CA PRO A 830 -4.14 -7.29 -5.42
C PRO A 830 -4.38 -8.04 -4.14
N ILE A 831 -3.29 -8.51 -3.52
CA ILE A 831 -3.37 -9.09 -2.15
C ILE A 831 -2.46 -8.21 -1.28
N PRO A 832 -2.96 -7.02 -0.90
CA PRO A 832 -2.06 -6.08 -0.19
C PRO A 832 -1.76 -6.53 1.23
N SER A 833 -2.64 -7.32 1.85
CA SER A 833 -2.41 -7.85 3.19
C SER A 833 -3.06 -9.20 3.53
N GLY A 834 -4.03 -9.62 2.75
CA GLY A 834 -4.58 -10.94 3.00
C GLY A 834 -5.66 -11.38 2.05
N MET A 835 -5.96 -12.66 2.15
CA MET A 835 -7.02 -13.23 1.30
C MET A 835 -7.59 -14.43 2.05
N PHE A 836 -8.83 -14.80 1.69
CA PHE A 836 -9.38 -16.01 2.34
C PHE A 836 -10.44 -16.63 1.40
N ILE A 837 -10.65 -17.93 1.65
CA ILE A 837 -11.80 -18.65 1.12
C ILE A 837 -12.53 -19.33 2.28
N GLU A 838 -13.82 -19.59 2.08
CA GLU A 838 -14.60 -20.24 3.11
C GLU A 838 -15.80 -20.95 2.50
N ASP A 839 -16.32 -21.90 3.27
CA ASP A 839 -17.63 -22.47 3.00
C ASP A 839 -18.45 -22.31 4.27
N ALA A 840 -19.54 -23.09 4.40
CA ALA A 840 -20.37 -22.94 5.60
C ALA A 840 -19.62 -23.20 6.88
N ASN A 841 -18.65 -24.11 6.90
CA ASN A 841 -18.01 -24.54 8.15
C ASN A 841 -16.56 -24.12 8.34
N THR A 842 -15.80 -23.91 7.26
CA THR A 842 -14.35 -23.81 7.34
C THR A 842 -13.88 -22.58 6.55
N ARG A 843 -12.89 -21.90 7.13
CA ARG A 843 -12.24 -20.77 6.40
C ARG A 843 -10.72 -20.98 6.44
N LEU A 844 -10.06 -20.65 5.36
CA LEU A 844 -8.57 -20.58 5.32
C LEU A 844 -8.21 -19.16 4.94
N THR A 845 -7.45 -18.49 5.84
CA THR A 845 -6.98 -17.12 5.55
C THR A 845 -5.47 -17.12 5.44
N LEU A 846 -4.95 -16.46 4.42
CA LEU A 846 -3.50 -16.24 4.24
C LEU A 846 -3.26 -14.76 4.39
N LEU A 847 -2.50 -14.40 5.44
CA LEU A 847 -2.10 -13.01 5.67
C LEU A 847 -0.70 -12.81 5.10
N THR A 848 -0.43 -11.61 4.58
CA THR A 848 0.86 -11.34 3.96
CA THR A 848 0.82 -11.31 3.95
C THR A 848 1.59 -10.15 4.58
N GLY A 849 2.92 -10.23 4.55
CA GLY A 849 3.74 -9.11 4.99
C GLY A 849 4.20 -8.25 3.84
N GLN A 850 3.60 -8.41 2.69
CA GLN A 850 3.98 -7.67 1.49
C GLN A 850 2.86 -7.76 0.49
N PRO A 851 2.60 -6.74 -0.32
CA PRO A 851 1.56 -6.86 -1.35
C PRO A 851 2.07 -7.70 -2.50
N LEU A 852 1.21 -8.63 -2.95
CA LEU A 852 1.51 -9.51 -4.09
C LEU A 852 0.23 -9.77 -4.84
N GLY A 853 0.25 -10.31 -6.03
CA GLY A 853 -0.99 -10.65 -6.74
C GLY A 853 -1.47 -12.03 -6.42
N GLY A 854 -2.79 -12.25 -6.51
CA GLY A 854 -3.26 -13.62 -6.18
C GLY A 854 -4.67 -13.83 -6.64
N SER A 855 -5.13 -15.06 -6.44
CA SER A 855 -6.48 -15.42 -6.86
C SER A 855 -6.91 -16.69 -6.17
N SER A 856 -8.12 -17.12 -6.53
CA SER A 856 -8.61 -18.48 -6.25
C SER A 856 -9.13 -18.99 -7.60
N LEU A 857 -8.34 -19.81 -8.31
CA LEU A 857 -8.73 -20.21 -9.67
C LEU A 857 -9.57 -21.47 -9.71
N ALA A 858 -9.79 -22.06 -8.57
CA ALA A 858 -10.72 -23.21 -8.48
C ALA A 858 -11.18 -23.27 -7.05
N SER A 859 -12.36 -23.87 -6.83
CA SER A 859 -12.92 -24.08 -5.52
C SER A 859 -11.90 -24.69 -4.57
N GLY A 860 -11.78 -24.15 -3.36
CA GLY A 860 -10.87 -24.68 -2.37
C GLY A 860 -9.41 -24.23 -2.57
N GLU A 861 -9.05 -23.41 -3.56
CA GLU A 861 -7.66 -22.97 -3.73
C GLU A 861 -7.46 -21.53 -3.36
N LEU A 862 -6.25 -21.23 -2.94
CA LEU A 862 -5.75 -19.84 -2.85
C LEU A 862 -4.41 -19.82 -3.56
N GLU A 863 -4.03 -18.77 -4.23
CA GLU A 863 -2.68 -18.70 -4.78
C GLU A 863 -2.19 -17.27 -4.75
N ILE A 864 -0.87 -17.16 -4.60
CA ILE A 864 -0.23 -15.80 -4.49
C ILE A 864 1.11 -15.83 -5.22
N MET A 865 1.33 -14.89 -6.09
CA MET A 865 2.56 -14.86 -6.85
C MET A 865 3.74 -14.42 -6.00
N GLN A 866 4.89 -15.06 -6.20
CA GLN A 866 6.07 -14.76 -5.40
C GLN A 866 7.05 -13.83 -6.10
N ASP A 867 7.32 -14.08 -7.40
CA ASP A 867 8.19 -13.19 -8.17
C ASP A 867 7.94 -13.53 -9.64
N ARG A 868 8.42 -12.64 -10.48
CA ARG A 868 8.22 -12.79 -11.93
C ARG A 868 9.44 -12.18 -12.61
N ARG A 869 9.92 -12.88 -13.60
CA ARG A 869 11.13 -12.45 -14.36
C ARG A 869 10.75 -12.51 -15.82
N LEU A 870 10.78 -11.38 -16.50
CA LEU A 870 10.18 -11.24 -17.84
C LEU A 870 11.15 -10.56 -18.77
N ALA A 871 11.42 -11.22 -19.90
CA ALA A 871 12.40 -10.66 -20.80
C ALA A 871 11.87 -9.54 -21.66
N SER A 872 10.56 -9.49 -21.89
CA SER A 872 10.18 -8.46 -22.88
C SER A 872 9.46 -7.31 -22.20
N ASP A 873 9.47 -6.18 -22.91
CA ASP A 873 8.65 -5.02 -22.61
C ASP A 873 7.19 -5.26 -23.00
N ASP A 874 6.28 -4.65 -22.26
CA ASP A 874 4.85 -4.91 -22.50
C ASP A 874 4.11 -3.70 -23.01
N GLU A 875 4.83 -2.85 -23.73
CA GLU A 875 4.23 -1.85 -24.64
C GLU A 875 3.47 -0.76 -23.89
N ARG A 876 3.83 -0.47 -22.64
CA ARG A 876 3.22 0.67 -21.92
C ARG A 876 4.21 1.80 -21.65
N GLY A 877 5.37 1.77 -22.28
CA GLY A 877 6.31 2.88 -22.28
C GLY A 877 7.52 2.69 -21.38
N LEU A 878 7.56 1.62 -20.62
CA LEU A 878 8.70 1.38 -19.70
C LEU A 878 9.96 1.07 -20.50
N GLY A 879 9.84 0.38 -21.64
CA GLY A 879 10.99 0.10 -22.49
C GLY A 879 11.98 -0.89 -21.92
N GLN A 880 11.54 -1.76 -21.03
CA GLN A 880 12.38 -2.86 -20.56
C GLN A 880 11.45 -3.94 -20.02
N GLY A 881 11.94 -5.17 -19.92
CA GLY A 881 11.27 -6.21 -19.13
C GLY A 881 11.66 -6.07 -17.65
N VAL A 882 11.49 -7.17 -16.94
CA VAL A 882 11.83 -7.25 -15.52
C VAL A 882 12.89 -8.33 -15.33
N LEU A 883 14.14 -7.89 -15.32
CA LEU A 883 15.29 -8.83 -15.30
C LEU A 883 16.23 -8.44 -14.17
N ASP A 884 15.76 -7.67 -13.21
CA ASP A 884 16.56 -7.13 -12.11
C ASP A 884 16.14 -7.75 -10.78
N ASN A 885 15.58 -8.96 -10.82
CA ASN A 885 15.18 -9.63 -9.61
C ASN A 885 16.32 -9.79 -8.61
N LYS A 886 15.96 -9.80 -7.33
CA LYS A 886 16.92 -10.10 -6.29
C LYS A 886 16.23 -10.89 -5.20
N PRO A 887 16.98 -11.65 -4.41
CA PRO A 887 16.35 -12.47 -3.37
C PRO A 887 15.52 -11.65 -2.42
N VAL A 888 14.34 -12.17 -2.08
CA VAL A 888 13.42 -11.47 -1.18
C VAL A 888 12.87 -12.49 -0.22
N LEU A 889 12.71 -12.11 1.04
CA LEU A 889 12.07 -12.96 2.06
C LEU A 889 10.62 -12.53 2.25
N HIS A 890 9.72 -13.27 1.65
CA HIS A 890 8.29 -13.06 1.83
C HIS A 890 7.82 -13.75 3.11
N ILE A 891 6.89 -13.09 3.83
CA ILE A 891 6.36 -13.64 5.07
C ILE A 891 4.86 -13.69 5.04
N TYR A 892 4.31 -14.68 5.73
CA TYR A 892 2.88 -14.95 5.77
C TYR A 892 2.48 -15.54 7.09
N ARG A 893 1.19 -15.47 7.40
CA ARG A 893 0.56 -16.33 8.41
C ARG A 893 -0.60 -17.11 7.77
N LEU A 894 -0.80 -18.34 8.24
CA LEU A 894 -1.85 -19.20 7.69
C LEU A 894 -2.82 -19.58 8.80
N VAL A 895 -4.08 -19.20 8.64
CA VAL A 895 -5.05 -19.42 9.70
C VAL A 895 -6.19 -20.26 9.18
N LEU A 896 -6.28 -21.47 9.63
CA LEU A 896 -7.39 -22.39 9.34
C LEU A 896 -8.35 -22.28 10.50
N GLU A 897 -9.65 -22.10 10.24
CA GLU A 897 -10.57 -21.91 11.35
C GLU A 897 -11.92 -22.50 11.03
N LYS A 898 -12.63 -22.90 12.07
CA LYS A 898 -14.05 -23.23 11.97
CA LYS A 898 -14.04 -23.22 12.03
C LYS A 898 -14.86 -21.95 12.09
N VAL A 899 -15.76 -21.76 11.11
CA VAL A 899 -16.53 -20.52 11.08
C VAL A 899 -18.03 -20.75 11.09
N ASN A 900 -18.48 -22.01 11.34
CA ASN A 900 -19.94 -22.19 11.28
C ASN A 900 -20.64 -21.49 12.43
N ASN A 901 -19.97 -21.13 13.53
CA ASN A 901 -20.65 -20.38 14.59
C ASN A 901 -20.48 -18.89 14.44
N CYS A 902 -19.79 -18.40 13.44
CA CYS A 902 -19.57 -16.97 13.25
C CYS A 902 -20.79 -16.27 12.65
N VAL A 903 -21.09 -15.08 13.13
CA VAL A 903 -22.13 -14.26 12.53
C VAL A 903 -21.53 -13.58 11.31
N ARG A 904 -21.87 -14.07 10.13
CA ARG A 904 -21.30 -13.54 8.89
C ARG A 904 -22.32 -12.70 8.14
N PRO A 905 -21.85 -11.87 7.21
CA PRO A 905 -22.80 -11.17 6.34
C PRO A 905 -23.63 -12.14 5.53
N SER A 906 -24.79 -11.66 5.06
CA SER A 906 -25.62 -12.44 4.18
C SER A 906 -24.93 -12.68 2.86
N LYS A 907 -25.41 -13.63 2.07
CA LYS A 907 -24.85 -13.99 0.78
C LYS A 907 -24.82 -12.80 -0.17
N LEU A 908 -25.66 -11.78 0.00
CA LEU A 908 -25.69 -10.64 -0.93
C LEU A 908 -24.75 -9.50 -0.52
N HIS A 909 -24.17 -9.60 0.67
CA HIS A 909 -23.29 -8.54 1.13
C HIS A 909 -21.96 -8.54 0.39
N PRO A 910 -21.46 -7.41 -0.10
CA PRO A 910 -20.19 -7.41 -0.85
C PRO A 910 -18.92 -7.45 -0.01
N ALA A 911 -19.00 -7.43 1.33
CA ALA A 911 -17.80 -7.41 2.20
C ALA A 911 -17.61 -8.72 2.89
N GLY A 912 -16.38 -8.95 3.35
CA GLY A 912 -16.11 -9.98 4.36
C GLY A 912 -15.30 -9.38 5.48
N TYR A 913 -15.15 -10.12 6.58
CA TYR A 913 -14.45 -9.62 7.76
C TYR A 913 -13.60 -10.75 8.33
N LEU A 914 -12.45 -10.35 8.86
CA LEU A 914 -11.58 -11.29 9.56
C LEU A 914 -12.11 -11.69 10.91
N THR A 915 -11.65 -12.86 11.35
CA THR A 915 -11.76 -13.25 12.72
C THR A 915 -10.66 -12.55 13.57
N SER A 916 -10.83 -12.58 14.89
CA SER A 916 -9.81 -12.12 15.82
CA SER A 916 -9.80 -12.07 15.77
C SER A 916 -8.43 -12.71 15.53
N ALA A 917 -8.33 -14.02 15.38
CA ALA A 917 -7.04 -14.65 15.20
C ALA A 917 -6.39 -14.26 13.89
N ALA A 918 -7.18 -14.08 12.80
CA ALA A 918 -6.57 -13.67 11.53
C ALA A 918 -6.11 -12.20 11.62
N HIS A 919 -6.90 -11.35 12.26
CA HIS A 919 -6.46 -9.94 12.44
C HIS A 919 -5.21 -9.84 13.24
N LYS A 920 -5.13 -10.57 14.38
CA LYS A 920 -3.90 -10.55 15.16
C LYS A 920 -2.72 -11.11 14.36
N ALA A 921 -2.97 -12.12 13.53
CA ALA A 921 -1.86 -12.65 12.70
C ALA A 921 -1.39 -11.60 11.71
N SER A 922 -2.32 -10.85 11.13
CA SER A 922 -1.90 -9.76 10.24
C SER A 922 -1.08 -8.72 10.98
N GLN A 923 -1.52 -8.34 12.20
CA GLN A 923 -0.74 -7.37 13.00
C GLN A 923 0.65 -7.92 13.32
N SER A 924 0.80 -9.22 13.52
CA SER A 924 2.09 -9.86 13.79
CA SER A 924 2.13 -9.76 13.84
C SER A 924 3.02 -9.65 12.63
N LEU A 925 2.48 -9.66 11.42
CA LEU A 925 3.31 -9.46 10.23
C LEU A 925 3.63 -7.98 10.00
N LEU A 926 2.64 -7.10 10.14
CA LEU A 926 2.88 -5.71 9.74
C LEU A 926 3.48 -4.88 10.84
N ASP A 927 3.14 -5.15 12.09
CA ASP A 927 3.64 -4.32 13.20
C ASP A 927 4.16 -5.22 14.33
N PRO A 928 5.24 -5.93 14.04
CA PRO A 928 5.84 -6.79 15.07
C PRO A 928 6.43 -5.96 16.18
N LEU A 929 6.81 -6.60 17.30
CA LEU A 929 7.65 -5.94 18.27
C LEU A 929 8.96 -5.50 17.64
N ASP A 930 9.44 -4.31 18.04
CA ASP A 930 10.79 -3.88 17.62
C ASP A 930 11.82 -4.31 18.66
N LYS A 931 13.00 -4.66 18.21
CA LYS A 931 14.04 -5.20 19.09
C LYS A 931 15.27 -4.33 19.05
N PHE A 932 15.78 -3.95 20.21
CA PHE A 932 16.94 -3.05 20.35
C PHE A 932 17.99 -3.74 21.20
N ILE A 933 19.23 -3.66 20.75
CA ILE A 933 20.37 -4.23 21.49
C ILE A 933 21.20 -3.08 22.02
N PHE A 934 21.44 -3.05 23.34
CA PHE A 934 22.23 -1.93 23.86
C PHE A 934 23.66 -2.05 23.31
N ALA A 935 24.23 -0.94 22.81
CA ALA A 935 25.46 -1.07 22.06
C ALA A 935 26.70 -1.02 22.95
N GLU A 936 26.70 -0.37 24.08
CA GLU A 936 27.84 -0.25 24.97
C GLU A 936 27.84 -1.38 25.98
N ASN A 937 28.91 -1.43 26.80
CA ASN A 937 28.99 -2.57 27.74
C ASN A 937 28.06 -2.41 28.94
N GLU A 938 27.83 -1.17 29.40
CA GLU A 938 26.96 -0.98 30.61
C GLU A 938 26.00 0.18 30.39
N TRP A 939 24.73 -0.07 30.71
CA TRP A 939 23.70 0.97 30.56
C TRP A 939 23.44 1.50 31.97
N ILE A 940 23.98 2.67 32.33
CA ILE A 940 23.79 3.21 33.65
C ILE A 940 22.44 3.88 33.76
N GLY A 941 21.68 3.60 34.82
CA GLY A 941 20.40 4.25 34.92
C GLY A 941 19.27 3.50 34.22
N ALA A 942 19.51 2.31 33.69
CA ALA A 942 18.52 1.57 32.91
C ALA A 942 17.26 1.27 33.72
N GLN A 943 16.11 1.35 33.06
CA GLN A 943 14.83 1.07 33.64
C GLN A 943 14.17 -0.11 32.94
N GLY A 944 13.26 -0.78 33.63
CA GLY A 944 12.76 -2.03 33.12
C GLY A 944 11.57 -1.95 32.19
N GLN A 945 10.83 -0.85 32.25
CA GLN A 945 9.58 -0.82 31.47
C GLN A 945 9.17 0.62 31.26
N PHE A 946 8.45 0.84 30.17
CA PHE A 946 7.81 2.10 29.89
C PHE A 946 6.39 1.81 29.41
N GLY A 947 5.39 2.55 29.90
CA GLY A 947 4.04 2.36 29.40
C GLY A 947 3.18 1.38 30.15
N GLY A 948 3.62 0.91 31.33
CA GLY A 948 2.80 -0.03 32.07
C GLY A 948 1.46 0.52 32.47
N ASP A 949 1.31 1.84 32.52
CA ASP A 949 0.05 2.47 32.85
C ASP A 949 -0.77 2.83 31.61
N HIS A 950 -0.27 2.51 30.41
CA HIS A 950 -1.07 2.83 29.22
C HIS A 950 -2.29 1.95 29.08
N PRO A 951 -3.47 2.46 28.73
CA PRO A 951 -4.63 1.56 28.60
C PRO A 951 -4.42 0.50 27.56
N SER A 952 -4.91 -0.69 27.80
CA SER A 952 -4.87 -1.82 26.86
C SER A 952 -6.25 -1.91 26.21
N ALA A 953 -6.28 -1.37 24.98
CA ALA A 953 -7.55 -1.15 24.29
C ALA A 953 -8.04 -2.44 23.67
N ARG A 954 -9.35 -2.48 23.41
CA ARG A 954 -9.97 -3.65 22.81
CA ARG A 954 -9.97 -3.65 22.81
C ARG A 954 -8.98 -4.08 21.74
N GLU A 955 -9.23 -5.24 21.15
CA GLU A 955 -8.37 -5.78 20.12
C GLU A 955 -8.66 -5.23 18.74
N ASP A 956 -9.86 -4.75 18.45
CA ASP A 956 -10.16 -4.25 17.12
C ASP A 956 -9.74 -2.79 16.94
N LEU A 957 -9.22 -2.16 17.98
CA LEU A 957 -8.85 -0.74 17.86
C LEU A 957 -7.35 -0.59 17.74
N ASP A 958 -6.90 0.30 16.86
CA ASP A 958 -5.47 0.61 16.73
C ASP A 958 -5.23 2.11 16.78
N VAL A 959 -4.08 2.48 17.29
CA VAL A 959 -3.52 3.82 17.17
C VAL A 959 -2.62 3.77 15.94
N SER A 960 -3.21 4.01 14.77
CA SER A 960 -2.49 3.87 13.54
C SER A 960 -1.33 4.86 13.42
N VAL A 961 -1.56 6.06 13.95
CA VAL A 961 -0.55 7.16 13.95
C VAL A 961 -0.55 7.81 15.30
N MET A 962 0.65 8.03 15.84
CA MET A 962 0.83 8.99 16.92
C MET A 962 1.98 9.89 16.46
N ARG A 963 1.72 11.19 16.40
CA ARG A 963 2.71 12.12 15.84
C ARG A 963 2.67 13.45 16.58
N ARG A 964 3.79 13.85 17.18
CA ARG A 964 3.81 15.22 17.77
C ARG A 964 3.86 16.21 16.61
N LEU A 965 3.00 17.23 16.69
CA LEU A 965 2.79 18.16 15.58
C LEU A 965 3.51 19.49 15.76
N THR A 966 4.09 19.72 16.93
CA THR A 966 4.76 20.96 17.27
C THR A 966 6.23 20.71 17.62
N LYS A 967 7.06 21.68 17.27
CA LYS A 967 8.46 21.69 17.72
C LYS A 967 8.56 22.23 19.14
N SER A 968 9.76 22.14 19.69
CA SER A 968 9.90 22.40 21.13
C SER A 968 9.62 23.87 21.51
N SER A 969 9.71 24.79 20.57
CA SER A 969 9.54 26.22 20.88
C SER A 969 8.08 26.55 21.06
N ALA A 970 7.13 25.72 20.71
CA ALA A 970 5.72 26.02 20.87
C ALA A 970 5.31 25.96 22.32
N LYS A 971 4.73 27.06 22.79
CA LYS A 971 4.23 27.06 24.15
C LYS A 971 3.14 26.01 24.37
N THR A 972 2.24 25.81 23.42
CA THR A 972 1.20 24.77 23.49
C THR A 972 1.61 23.60 22.62
N GLN A 973 1.99 22.49 23.23
CA GLN A 973 2.39 21.34 22.38
C GLN A 973 1.15 20.67 21.88
N ARG A 974 1.23 20.05 20.71
CA ARG A 974 0.09 19.36 20.12
C ARG A 974 0.53 17.97 19.65
N VAL A 975 -0.28 16.96 19.96
CA VAL A 975 0.03 15.57 19.52
C VAL A 975 -1.20 15.10 18.78
N GLY A 976 -0.98 14.54 17.58
CA GLY A 976 -2.02 13.97 16.76
C GLY A 976 -2.06 12.47 16.82
N TYR A 977 -3.30 11.94 16.78
CA TYR A 977 -3.52 10.50 16.78
C TYR A 977 -4.52 10.15 15.67
N VAL A 978 -4.24 9.07 14.94
CA VAL A 978 -5.24 8.51 14.04
C VAL A 978 -5.67 7.18 14.66
N LEU A 979 -6.95 7.01 14.94
CA LEU A 979 -7.50 5.81 15.54
C LEU A 979 -8.33 5.08 14.52
N HIS A 980 -8.05 3.82 14.33
CA HIS A 980 -8.79 2.99 13.39
C HIS A 980 -9.38 1.80 14.12
N ARG A 981 -10.66 1.56 13.93
CA ARG A 981 -11.28 0.34 14.46
CA ARG A 981 -11.27 0.35 14.45
C ARG A 981 -11.72 -0.50 13.29
N THR A 982 -11.22 -1.73 13.28
CA THR A 982 -11.65 -2.68 12.25
C THR A 982 -12.96 -3.33 12.70
N ASN A 983 -13.43 -4.32 11.95
CA ASN A 983 -14.63 -5.08 12.37
C ASN A 983 -14.25 -6.54 12.31
N LEU A 984 -14.34 -7.20 13.48
CA LEU A 984 -14.00 -8.63 13.58
C LEU A 984 -15.29 -9.42 13.73
N MET A 985 -15.32 -10.60 13.13
CA MET A 985 -16.53 -11.43 13.29
C MET A 985 -16.77 -11.88 14.70
N GLN A 986 -18.03 -11.96 15.07
CA GLN A 986 -18.55 -12.53 16.31
C GLN A 986 -18.59 -14.03 16.11
N CYS A 987 -17.82 -14.79 16.88
CA CYS A 987 -17.83 -16.24 16.71
C CYS A 987 -18.04 -16.94 18.07
N GLY A 988 -18.48 -16.18 19.07
CA GLY A 988 -18.84 -16.68 20.40
C GLY A 988 -17.69 -16.67 21.38
N THR A 989 -16.55 -16.02 21.09
CA THR A 989 -15.56 -15.93 22.16
C THR A 989 -15.80 -14.67 23.03
N PRO A 990 -16.19 -14.91 24.28
CA PRO A 990 -16.37 -13.86 25.30
C PRO A 990 -15.30 -12.78 25.11
N GLU A 991 -14.03 -13.15 25.17
CA GLU A 991 -12.90 -12.29 24.86
C GLU A 991 -13.08 -10.88 25.39
N GLU A 992 -12.82 -10.57 26.66
CA GLU A 992 -13.50 -9.36 27.11
C GLU A 992 -12.61 -8.32 27.78
N HIS A 993 -13.12 -7.90 28.93
CA HIS A 993 -12.72 -6.78 29.76
C HIS A 993 -11.52 -6.04 29.20
N THR A 994 -11.76 -4.87 28.61
CA THR A 994 -10.59 -4.06 28.24
C THR A 994 -10.78 -2.64 28.70
N GLN A 995 -9.70 -1.84 28.63
CA GLN A 995 -9.92 -0.51 29.11
C GLN A 995 -10.18 0.47 27.95
N LYS A 996 -11.03 1.45 28.25
CA LYS A 996 -11.26 2.53 27.30
C LYS A 996 -9.95 3.25 27.02
N LEU A 997 -9.68 3.47 25.74
CA LEU A 997 -8.53 4.26 25.35
C LEU A 997 -8.95 5.70 25.00
N ASP A 998 -8.47 6.67 25.76
CA ASP A 998 -8.65 8.09 25.48
C ASP A 998 -7.30 8.66 25.12
N VAL A 999 -7.07 8.79 23.79
CA VAL A 999 -5.75 9.27 23.41
C VAL A 999 -5.46 10.66 23.94
N CYS A 1000 -6.49 11.50 24.20
CA CYS A 1000 -6.15 12.86 24.63
C CYS A 1000 -5.57 12.93 26.03
N HIS A 1001 -5.65 11.83 26.80
CA HIS A 1001 -5.00 11.82 28.12
C HIS A 1001 -3.76 10.96 28.16
N LEU A 1002 -3.19 10.56 27.02
CA LEU A 1002 -1.97 9.76 27.06
C LEU A 1002 -0.75 10.60 27.48
N LEU A 1003 -0.79 11.89 27.18
CA LEU A 1003 0.27 12.81 27.64
C LEU A 1003 -0.34 13.69 28.72
N PRO A 1004 0.43 14.11 29.71
CA PRO A 1004 -0.10 14.90 30.80
C PRO A 1004 -0.36 16.36 30.41
N ASN A 1005 -1.09 16.99 31.33
CA ASN A 1005 -1.38 18.40 31.26
C ASN A 1005 -2.19 18.73 30.02
N VAL A 1006 -3.18 17.87 29.67
CA VAL A 1006 -3.98 18.22 28.50
C VAL A 1006 -4.81 19.46 28.80
N ALA A 1007 -4.88 20.35 27.83
CA ALA A 1007 -5.61 21.61 27.92
C ALA A 1007 -6.73 21.65 26.90
N ARG A 1008 -6.68 20.84 25.84
CA ARG A 1008 -7.74 20.81 24.83
C ARG A 1008 -7.67 19.49 24.09
N CYS A 1009 -8.81 18.99 23.60
CA CYS A 1009 -8.85 17.79 22.76
C CYS A 1009 -9.77 18.14 21.60
N GLU A 1010 -9.29 17.97 20.35
CA GLU A 1010 -10.11 18.25 19.20
C GLU A 1010 -10.18 17.03 18.27
N ARG A 1011 -11.36 16.76 17.71
CA ARG A 1011 -11.42 15.88 16.55
C ARG A 1011 -11.02 16.65 15.31
N THR A 1012 -10.20 16.05 14.44
CA THR A 1012 -9.71 16.74 13.26
C THR A 1012 -9.96 15.88 12.02
N THR A 1013 -9.76 16.50 10.84
CA THR A 1013 -9.59 15.66 9.65
C THR A 1013 -8.39 14.76 9.81
N LEU A 1014 -8.27 13.70 8.96
CA LEU A 1014 -7.23 12.68 9.19
C LEU A 1014 -5.83 13.20 8.95
N THR A 1015 -5.70 14.34 8.23
CA THR A 1015 -4.44 15.01 7.98
C THR A 1015 -4.04 15.96 9.12
N PHE A 1016 -4.90 16.10 10.12
CA PHE A 1016 -4.74 17.00 11.26
C PHE A 1016 -4.91 18.45 10.86
N LEU A 1017 -5.35 18.79 9.64
CA LEU A 1017 -5.28 20.19 9.22
C LEU A 1017 -6.51 20.99 9.51
N GLN A 1018 -7.62 20.42 9.91
CA GLN A 1018 -8.83 21.18 10.23
C GLN A 1018 -9.47 20.62 11.49
N ASN A 1019 -9.83 21.51 12.42
CA ASN A 1019 -10.53 21.12 13.60
C ASN A 1019 -12.01 20.94 13.30
N LEU A 1020 -12.57 19.82 13.64
CA LEU A 1020 -13.94 19.49 13.38
C LEU A 1020 -14.84 19.52 14.62
N GLU A 1021 -14.34 19.28 15.81
CA GLU A 1021 -15.15 19.27 17.03
C GLU A 1021 -14.23 19.51 18.22
N HIS A 1022 -14.64 20.34 19.17
CA HIS A 1022 -13.93 20.65 20.40
C HIS A 1022 -14.54 19.73 21.45
N LEU A 1023 -13.77 18.83 22.04
CA LEU A 1023 -14.38 17.72 22.75
C LEU A 1023 -14.51 18.00 24.23
N ASP A 1024 -15.68 17.64 24.73
CA ASP A 1024 -16.06 17.74 26.12
C ASP A 1024 -15.13 16.90 27.00
N GLY A 1025 -14.73 17.59 28.04
CA GLY A 1025 -13.90 17.03 29.06
C GLY A 1025 -12.55 16.61 28.54
N MET A 1026 -12.18 17.07 27.36
CA MET A 1026 -10.90 16.67 26.78
C MET A 1026 -10.80 15.17 26.61
N VAL A 1027 -11.93 14.49 26.40
CA VAL A 1027 -11.93 13.04 26.16
C VAL A 1027 -12.14 12.75 24.68
N ALA A 1028 -11.26 11.96 24.12
CA ALA A 1028 -11.40 11.54 22.73
C ALA A 1028 -12.23 10.28 22.71
N PRO A 1029 -13.44 10.28 22.18
CA PRO A 1029 -14.14 9.00 22.14
C PRO A 1029 -13.55 7.95 21.23
N GLU A 1030 -13.75 6.66 21.54
CA GLU A 1030 -13.35 5.64 20.58
C GLU A 1030 -14.34 5.71 19.41
N VAL A 1031 -13.92 5.05 18.35
CA VAL A 1031 -14.63 5.08 17.07
C VAL A 1031 -15.41 3.82 16.80
N CYS A 1032 -16.33 3.86 15.83
CA CYS A 1032 -17.20 2.76 15.45
C CYS A 1032 -16.45 1.73 14.60
N PRO A 1033 -16.92 0.49 14.53
CA PRO A 1033 -16.27 -0.47 13.62
C PRO A 1033 -16.22 0.08 12.19
N MET A 1034 -15.10 -0.12 11.55
CA MET A 1034 -14.74 0.30 10.20
C MET A 1034 -14.60 1.82 10.10
N GLU A 1035 -14.53 2.54 11.18
CA GLU A 1035 -14.33 3.98 11.11
C GLU A 1035 -12.90 4.29 11.53
N THR A 1036 -12.47 5.46 11.06
CA THR A 1036 -11.18 6.04 11.34
C THR A 1036 -11.39 7.47 11.75
N ALA A 1037 -10.79 7.92 12.85
CA ALA A 1037 -10.92 9.29 13.29
C ALA A 1037 -9.55 9.81 13.66
N ALA A 1038 -9.41 11.14 13.70
CA ALA A 1038 -8.16 11.73 14.14
C ALA A 1038 -8.49 12.71 15.29
N TYR A 1039 -7.57 12.77 16.23
CA TYR A 1039 -7.69 13.68 17.36
C TYR A 1039 -6.36 14.38 17.58
N VAL A 1040 -6.47 15.62 18.05
CA VAL A 1040 -5.24 16.34 18.44
C VAL A 1040 -5.43 16.78 19.87
N SER A 1041 -4.48 16.43 20.74
CA SER A 1041 -4.48 16.91 22.12
C SER A 1041 -3.47 18.07 22.21
N SER A 1042 -3.88 19.08 23.00
CA SER A 1042 -3.01 20.22 23.26
C SER A 1042 -2.58 20.21 24.72
N HIS A 1043 -1.33 20.54 25.01
CA HIS A 1043 -0.77 20.42 26.35
C HIS A 1043 -0.05 21.68 26.73
N SER A 1044 -0.32 22.10 27.98
CA SER A 1044 0.19 23.38 28.41
C SER A 1044 1.51 23.25 29.14
N SER A 1045 2.12 21.84 28.96
CA SER A 1045 3.10 21.28 29.88
C SER A 1045 4.10 22.35 30.32
C1 NAG B . -5.13 32.11 4.46
C2 NAG B . -4.83 33.56 4.84
C3 NAG B . -5.93 34.17 5.67
C4 NAG B . -7.25 33.99 4.89
C5 NAG B . -7.42 32.51 4.54
C6 NAG B . -8.73 32.21 3.83
C7 NAG B . -2.63 34.24 5.08
C8 NAG B . -3.13 35.64 4.75
N2 NAG B . -3.60 33.53 5.70
O3 NAG B . -5.66 35.55 5.92
O4 NAG B . -8.31 34.50 5.71
O5 NAG B . -6.34 32.07 3.69
O6 NAG B . -9.36 33.40 3.33
O7 NAG B . -1.54 33.77 4.79
P PO4 C . 2.05 -14.75 17.35
O1 PO4 C . 2.09 -14.35 18.79
O2 PO4 C . 2.93 -16.08 17.12
O3 PO4 C . 0.51 -15.22 17.03
O4 PO4 C . 2.39 -13.77 16.31
ZN ZN D . 1.99 8.31 -14.35
C1 MRD E . -8.39 0.43 -29.62
C2 MRD E . -7.75 1.47 -28.69
O2 MRD E . -8.53 1.49 -27.48
CM MRD E . -6.33 1.01 -28.38
C3 MRD E . -7.83 2.74 -29.53
C4 MRD E . -7.33 4.01 -28.86
O4 MRD E . -8.05 5.13 -29.48
C5 MRD E . -5.84 4.31 -29.14
O3 YHO F . 3.11 6.50 -14.69
C3 YHO F . 3.80 6.27 -15.94
C2 YHO F . 3.37 7.30 -16.99
O2 YHO F . 2.79 8.47 -16.38
C1 YHO F . 2.36 6.58 -17.92
N1 YHO F . 1.16 7.42 -18.05
C5 YHO F . 2.06 5.24 -17.21
C4 YHO F . 3.44 4.94 -16.62
O4 YHO F . 3.42 3.84 -15.71
#